data_1LF8
#
_entry.id   1LF8
#
_cell.length_a   124.540
_cell.length_b   129.700
_cell.length_c   108.580
_cell.angle_alpha   90.00
_cell.angle_beta   90.00
_cell.angle_gamma   90.00
#
_symmetry.space_group_name_H-M   'C 2 2 21'
#
loop_
_entity.id
_entity.type
_entity.pdbx_description
1 polymer 'ADP-ribosylation factor binding protein GGA3'
2 polymer 'Cation-independent mannose-6-phosphate receptor'
3 water water
#
loop_
_entity_poly.entity_id
_entity_poly.type
_entity_poly.pdbx_seq_one_letter_code
_entity_poly.pdbx_strand_id
1 'polypeptide(L)'
;GAMGSMAEAEGESLESWLNKATNPSNRQEDWEYIIGFCDQINKELEGPQIAVRLLAHKIQSPQEWEALQALTVLEACMKN
CGRRFHNEVGKFRFLNELIKVVSPKYLGDRVSEKVKTKVIELLYSWTMALPEEAKIKDAYHMLKRQGIVQSDPPIPVDRT
LIPSPPPRPKN
;
A,B,C,D
2 'polypeptide(L)' FHDD(SEP)DEDLLHI E,F,G,H
#
# COMPACT_ATOMS: atom_id res chain seq x y z
N GLU A 12 -3.86 -36.94 -2.62
CA GLU A 12 -3.79 -37.47 -1.22
C GLU A 12 -4.61 -36.60 -0.26
N SER A 13 -4.83 -37.13 0.95
CA SER A 13 -5.61 -36.43 1.97
C SER A 13 -5.07 -35.06 2.35
N LEU A 14 -5.89 -34.31 3.09
CA LEU A 14 -5.51 -32.97 3.54
C LEU A 14 -4.30 -33.06 4.47
N GLU A 15 -4.38 -33.95 5.45
CA GLU A 15 -3.29 -34.11 6.40
C GLU A 15 -2.02 -34.57 5.68
N SER A 16 -2.19 -35.43 4.69
CA SER A 16 -1.07 -35.95 3.93
C SER A 16 -0.30 -34.79 3.27
N TRP A 17 -1.03 -33.89 2.62
CA TRP A 17 -0.42 -32.74 1.96
C TRP A 17 0.29 -31.83 2.97
N LEU A 18 -0.40 -31.54 4.08
CA LEU A 18 0.15 -30.64 5.08
C LEU A 18 1.35 -31.25 5.82
N ASN A 19 1.26 -32.53 6.16
CA ASN A 19 2.37 -33.19 6.83
C ASN A 19 3.63 -33.02 5.99
N LYS A 20 3.49 -33.17 4.67
CA LYS A 20 4.63 -33.00 3.79
C LYS A 20 5.02 -31.52 3.62
N ALA A 21 4.05 -30.63 3.72
CA ALA A 21 4.32 -29.20 3.55
C ALA A 21 4.86 -28.54 4.82
N THR A 22 4.82 -29.26 5.93
CA THR A 22 5.29 -28.70 7.20
C THR A 22 6.29 -29.59 7.90
N ASN A 23 6.73 -30.65 7.22
CA ASN A 23 7.68 -31.59 7.80
C ASN A 23 8.90 -30.86 8.36
N PRO A 24 9.20 -31.07 9.65
CA PRO A 24 10.35 -30.46 10.34
C PRO A 24 11.66 -30.79 9.64
N SER A 25 11.67 -31.92 8.95
CA SER A 25 12.85 -32.40 8.23
C SER A 25 13.12 -31.73 6.89
N ASN A 26 12.10 -31.10 6.30
CA ASN A 26 12.31 -30.45 5.00
C ASN A 26 13.55 -29.57 5.04
N ARG A 27 14.39 -29.68 4.02
CA ARG A 27 15.61 -28.88 3.94
C ARG A 27 15.24 -27.47 3.48
N GLN A 28 14.12 -27.37 2.80
CA GLN A 28 13.64 -26.09 2.27
C GLN A 28 12.12 -26.21 2.08
N GLU A 29 11.44 -25.07 2.00
CA GLU A 29 10.00 -25.10 1.79
C GLU A 29 9.73 -25.87 0.51
N ASP A 30 8.65 -26.63 0.49
CA ASP A 30 8.30 -27.40 -0.69
C ASP A 30 6.98 -26.87 -1.21
N TRP A 31 7.05 -25.89 -2.10
CA TRP A 31 5.86 -25.28 -2.65
C TRP A 31 4.96 -26.25 -3.40
N GLU A 32 5.51 -27.38 -3.82
CA GLU A 32 4.70 -28.37 -4.52
C GLU A 32 3.57 -28.82 -3.60
N TYR A 33 3.92 -29.18 -2.36
CA TYR A 33 2.96 -29.63 -1.37
C TYR A 33 2.12 -28.47 -0.85
N ILE A 34 2.74 -27.32 -0.65
CA ILE A 34 2.02 -26.15 -0.15
C ILE A 34 0.83 -25.90 -1.07
N ILE A 35 1.10 -25.90 -2.37
CA ILE A 35 0.05 -25.68 -3.36
C ILE A 35 -0.91 -26.87 -3.38
N GLY A 36 -0.34 -28.07 -3.26
CA GLY A 36 -1.18 -29.27 -3.25
C GLY A 36 -2.22 -29.20 -2.14
N PHE A 37 -1.81 -28.67 -1.00
CA PHE A 37 -2.69 -28.53 0.15
C PHE A 37 -3.83 -27.57 -0.19
N CYS A 38 -3.50 -26.43 -0.80
CA CYS A 38 -4.49 -25.43 -1.17
C CYS A 38 -5.53 -25.97 -2.15
N ASP A 39 -5.06 -26.61 -3.23
CA ASP A 39 -5.94 -27.18 -4.25
C ASP A 39 -6.89 -28.18 -3.61
N GLN A 40 -6.36 -29.00 -2.69
CA GLN A 40 -7.17 -30.00 -2.03
C GLN A 40 -8.34 -29.38 -1.27
N ILE A 41 -8.05 -28.31 -0.52
CA ILE A 41 -9.07 -27.62 0.24
C ILE A 41 -10.17 -27.11 -0.69
N ASN A 42 -9.76 -26.53 -1.82
CA ASN A 42 -10.71 -26.00 -2.79
C ASN A 42 -11.62 -27.08 -3.38
N LYS A 43 -11.21 -28.34 -3.23
CA LYS A 43 -11.96 -29.48 -3.74
C LYS A 43 -12.87 -30.05 -2.66
N GLU A 44 -12.35 -30.09 -1.44
CA GLU A 44 -13.05 -30.64 -0.27
C GLU A 44 -14.28 -29.86 0.17
N LEU A 45 -15.37 -30.59 0.42
CA LEU A 45 -16.60 -29.97 0.89
C LEU A 45 -16.35 -29.30 2.24
N GLU A 46 -15.55 -29.96 3.07
CA GLU A 46 -15.22 -29.42 4.38
C GLU A 46 -13.74 -29.08 4.52
N GLY A 47 -13.09 -28.83 3.39
CA GLY A 47 -11.68 -28.49 3.40
C GLY A 47 -11.34 -27.31 4.30
N PRO A 48 -12.09 -26.21 4.25
CA PRO A 48 -11.82 -25.04 5.09
C PRO A 48 -11.82 -25.34 6.58
N GLN A 49 -12.89 -25.98 7.06
CA GLN A 49 -13.04 -26.32 8.48
C GLN A 49 -11.92 -27.25 8.95
N ILE A 50 -11.65 -28.28 8.17
CA ILE A 50 -10.61 -29.24 8.52
C ILE A 50 -9.25 -28.56 8.47
N ALA A 51 -9.03 -27.81 7.40
CA ALA A 51 -7.77 -27.10 7.18
C ALA A 51 -7.35 -26.19 8.33
N VAL A 52 -8.24 -25.31 8.79
CA VAL A 52 -7.87 -24.42 9.89
C VAL A 52 -7.44 -25.18 11.14
N ARG A 53 -8.21 -26.18 11.54
CA ARG A 53 -7.89 -26.98 12.72
C ARG A 53 -6.53 -27.67 12.56
N LEU A 54 -6.27 -28.19 11.37
CA LEU A 54 -4.99 -28.84 11.09
C LEU A 54 -3.86 -27.81 11.18
N LEU A 55 -4.04 -26.66 10.55
CA LEU A 55 -3.04 -25.59 10.56
C LEU A 55 -2.80 -25.05 11.98
N ALA A 56 -3.88 -24.82 12.72
CA ALA A 56 -3.77 -24.32 14.08
C ALA A 56 -2.75 -25.15 14.87
N HIS A 57 -2.96 -26.47 14.84
CA HIS A 57 -2.10 -27.43 15.52
C HIS A 57 -0.63 -27.33 15.12
N LYS A 58 -0.38 -27.37 13.81
CA LYS A 58 0.98 -27.30 13.30
C LYS A 58 1.68 -26.02 13.73
N ILE A 59 0.89 -24.95 13.81
CA ILE A 59 1.41 -23.64 14.18
C ILE A 59 1.80 -23.57 15.65
N GLN A 60 1.13 -24.37 16.48
CA GLN A 60 1.44 -24.39 17.91
C GLN A 60 2.50 -25.44 18.26
N SER A 61 3.23 -25.88 17.25
CA SER A 61 4.28 -26.88 17.44
C SER A 61 5.59 -26.34 17.99
N PRO A 62 6.17 -27.01 19.00
CA PRO A 62 7.43 -26.61 19.63
C PRO A 62 8.58 -26.56 18.62
N GLN A 63 8.44 -27.34 17.55
CA GLN A 63 9.45 -27.38 16.50
C GLN A 63 9.22 -26.14 15.63
N GLU A 64 10.14 -25.17 15.72
CA GLU A 64 10.03 -23.93 15.01
C GLU A 64 9.88 -24.01 13.49
N TRP A 65 10.64 -24.89 12.86
CA TRP A 65 10.57 -25.02 11.41
C TRP A 65 9.20 -25.54 10.99
N GLU A 66 8.59 -26.39 11.82
CA GLU A 66 7.27 -26.92 11.50
C GLU A 66 6.24 -25.80 11.60
N ALA A 67 6.35 -24.99 12.65
CA ALA A 67 5.43 -23.88 12.87
C ALA A 67 5.59 -22.80 11.80
N LEU A 68 6.84 -22.53 11.43
CA LEU A 68 7.13 -21.51 10.42
C LEU A 68 6.52 -21.91 9.08
N GLN A 69 6.78 -23.15 8.67
CA GLN A 69 6.25 -23.67 7.42
C GLN A 69 4.73 -23.64 7.46
N ALA A 70 4.15 -24.02 8.59
CA ALA A 70 2.70 -24.02 8.73
C ALA A 70 2.13 -22.61 8.50
N LEU A 71 2.85 -21.59 8.95
CA LEU A 71 2.42 -20.21 8.79
C LEU A 71 2.50 -19.81 7.31
N THR A 72 3.57 -20.25 6.63
CA THR A 72 3.73 -19.96 5.21
C THR A 72 2.61 -20.64 4.41
N VAL A 73 2.21 -21.84 4.86
CA VAL A 73 1.14 -22.57 4.20
C VAL A 73 -0.17 -21.84 4.48
N LEU A 74 -0.29 -21.29 5.69
CA LEU A 74 -1.49 -20.55 6.06
C LEU A 74 -1.63 -19.33 5.16
N GLU A 75 -0.50 -18.65 4.93
CA GLU A 75 -0.47 -17.46 4.08
C GLU A 75 -0.90 -17.83 2.67
N ALA A 76 -0.41 -18.96 2.17
CA ALA A 76 -0.74 -19.42 0.83
C ALA A 76 -2.24 -19.69 0.72
N CYS A 77 -2.80 -20.32 1.74
CA CYS A 77 -4.22 -20.63 1.75
C CYS A 77 -5.10 -19.39 1.64
N MET A 78 -4.71 -18.31 2.32
CA MET A 78 -5.48 -17.07 2.31
C MET A 78 -5.53 -16.50 0.90
N LYS A 79 -4.47 -16.73 0.14
CA LYS A 79 -4.41 -16.21 -1.23
C LYS A 79 -4.96 -17.19 -2.26
N ASN A 80 -5.11 -18.45 -1.89
CA ASN A 80 -5.60 -19.45 -2.84
C ASN A 80 -6.96 -20.08 -2.55
N CYS A 81 -7.38 -20.08 -1.29
CA CYS A 81 -8.63 -20.74 -0.95
C CYS A 81 -9.87 -19.89 -0.79
N GLY A 82 -9.81 -18.68 -1.32
CA GLY A 82 -10.94 -17.76 -1.29
C GLY A 82 -11.78 -17.56 -0.04
N ARG A 83 -12.95 -16.95 -0.28
CA ARG A 83 -13.92 -16.61 0.76
C ARG A 83 -14.26 -17.71 1.76
N ARG A 84 -14.42 -18.94 1.28
CA ARG A 84 -14.78 -20.04 2.18
C ARG A 84 -13.69 -20.36 3.20
N PHE A 85 -12.45 -19.98 2.92
CA PHE A 85 -11.36 -20.21 3.86
C PHE A 85 -11.38 -19.01 4.83
N HIS A 86 -11.43 -17.81 4.28
CA HIS A 86 -11.45 -16.60 5.09
C HIS A 86 -12.49 -16.64 6.20
N ASN A 87 -13.66 -17.21 5.90
CA ASN A 87 -14.72 -17.30 6.89
C ASN A 87 -14.28 -18.15 8.07
N GLU A 88 -13.53 -19.22 7.80
CA GLU A 88 -13.05 -20.09 8.88
C GLU A 88 -11.97 -19.44 9.72
N VAL A 89 -11.06 -18.73 9.07
CA VAL A 89 -9.98 -18.05 9.76
C VAL A 89 -10.55 -16.87 10.54
N GLY A 90 -11.71 -16.38 10.09
CA GLY A 90 -12.33 -15.25 10.73
C GLY A 90 -13.14 -15.55 11.98
N LYS A 91 -13.10 -16.80 12.44
CA LYS A 91 -13.83 -17.18 13.65
C LYS A 91 -12.87 -17.32 14.81
N PHE A 92 -13.35 -16.96 16.01
CA PHE A 92 -12.52 -17.04 17.21
C PHE A 92 -12.03 -18.47 17.42
N ARG A 93 -12.82 -19.43 16.99
CA ARG A 93 -12.44 -20.83 17.13
C ARG A 93 -11.03 -21.08 16.58
N PHE A 94 -10.64 -20.34 15.54
CA PHE A 94 -9.30 -20.48 14.98
C PHE A 94 -8.41 -19.36 15.52
N LEU A 95 -8.98 -18.16 15.57
CA LEU A 95 -8.25 -16.98 16.04
C LEU A 95 -7.67 -17.15 17.45
N ASN A 96 -8.40 -17.83 18.33
CA ASN A 96 -7.92 -18.03 19.69
C ASN A 96 -6.65 -18.88 19.68
N GLU A 97 -6.58 -19.82 18.74
CA GLU A 97 -5.41 -20.68 18.60
C GLU A 97 -4.15 -19.87 18.29
N LEU A 98 -4.31 -18.78 17.54
CA LEU A 98 -3.17 -17.94 17.19
C LEU A 98 -2.81 -17.07 18.37
N ILE A 99 -3.82 -16.61 19.09
CA ILE A 99 -3.60 -15.79 20.26
C ILE A 99 -2.74 -16.57 21.27
N LYS A 100 -3.14 -17.81 21.55
CA LYS A 100 -2.40 -18.65 22.47
C LYS A 100 -0.92 -18.76 22.12
N VAL A 101 -0.62 -18.67 20.82
CA VAL A 101 0.75 -18.77 20.34
C VAL A 101 1.60 -17.56 20.73
N VAL A 102 0.98 -16.39 20.80
CA VAL A 102 1.70 -15.15 21.12
C VAL A 102 1.48 -14.61 22.53
N SER A 103 0.57 -15.23 23.28
CA SER A 103 0.27 -14.79 24.64
C SER A 103 1.05 -15.55 25.70
N PRO A 104 1.82 -14.84 26.53
CA PRO A 104 2.63 -15.44 27.60
C PRO A 104 1.80 -16.36 28.51
N LYS A 105 0.51 -16.08 28.61
CA LYS A 105 -0.39 -16.89 29.44
C LYS A 105 -0.53 -18.28 28.88
N TYR A 106 -0.09 -18.47 27.63
CA TYR A 106 -0.21 -19.79 27.03
C TYR A 106 1.12 -20.28 26.48
N LEU A 107 1.25 -20.29 25.15
CA LEU A 107 2.47 -20.77 24.51
C LEU A 107 3.55 -19.70 24.43
N GLY A 108 3.12 -18.44 24.38
CA GLY A 108 4.03 -17.30 24.27
C GLY A 108 5.46 -17.41 24.77
N ASP A 109 5.64 -17.70 26.06
CA ASP A 109 6.98 -17.78 26.64
C ASP A 109 7.83 -18.93 26.10
N ARG A 110 7.21 -19.86 25.38
CA ARG A 110 7.94 -21.00 24.81
C ARG A 110 8.05 -20.96 23.29
N VAL A 111 7.62 -19.85 22.70
CA VAL A 111 7.67 -19.69 21.25
C VAL A 111 8.66 -18.59 20.86
N SER A 112 9.38 -18.79 19.77
CA SER A 112 10.36 -17.80 19.31
C SER A 112 9.71 -16.54 18.78
N GLU A 113 10.50 -15.46 18.72
CA GLU A 113 10.01 -14.19 18.23
C GLU A 113 9.63 -14.27 16.76
N LYS A 114 10.50 -14.89 15.97
CA LYS A 114 10.24 -15.02 14.54
C LYS A 114 8.82 -15.54 14.31
N VAL A 115 8.46 -16.60 15.04
CA VAL A 115 7.12 -17.18 14.91
C VAL A 115 6.05 -16.19 15.37
N LYS A 116 6.26 -15.58 16.54
CA LYS A 116 5.30 -14.62 17.06
C LYS A 116 5.09 -13.43 16.16
N THR A 117 6.17 -12.82 15.70
CA THR A 117 6.03 -11.66 14.83
C THR A 117 5.34 -12.02 13.51
N LYS A 118 5.58 -13.22 13.00
CA LYS A 118 4.94 -13.63 11.76
C LYS A 118 3.43 -13.68 12.00
N VAL A 119 3.03 -14.23 13.14
CA VAL A 119 1.63 -14.31 13.49
C VAL A 119 1.01 -12.91 13.57
N ILE A 120 1.71 -12.02 14.26
CA ILE A 120 1.24 -10.64 14.43
C ILE A 120 1.12 -9.96 13.07
N GLU A 121 2.12 -10.20 12.23
CA GLU A 121 2.14 -9.62 10.89
C GLU A 121 0.92 -10.08 10.10
N LEU A 122 0.66 -11.39 10.10
CA LEU A 122 -0.49 -11.93 9.38
C LEU A 122 -1.77 -11.35 9.92
N LEU A 123 -1.91 -11.36 11.24
CA LEU A 123 -3.11 -10.84 11.88
C LEU A 123 -3.31 -9.38 11.48
N TYR A 124 -2.26 -8.59 11.61
CA TYR A 124 -2.36 -7.18 11.25
C TYR A 124 -2.78 -7.07 9.78
N SER A 125 -2.15 -7.87 8.93
CA SER A 125 -2.47 -7.87 7.50
C SER A 125 -3.92 -8.16 7.21
N TRP A 126 -4.48 -9.12 7.94
CA TRP A 126 -5.87 -9.51 7.73
C TRP A 126 -6.90 -8.44 8.11
N THR A 127 -6.57 -7.62 9.11
CA THR A 127 -7.49 -6.57 9.54
C THR A 127 -7.70 -5.58 8.41
N MET A 128 -6.71 -5.47 7.53
CA MET A 128 -6.78 -4.56 6.39
C MET A 128 -7.38 -5.26 5.18
N ALA A 129 -6.84 -6.43 4.88
CA ALA A 129 -7.29 -7.22 3.75
C ALA A 129 -8.74 -7.68 3.88
N LEU A 130 -9.12 -8.11 5.08
CA LEU A 130 -10.48 -8.59 5.32
C LEU A 130 -11.30 -7.70 6.23
N PRO A 131 -11.64 -6.48 5.76
CA PRO A 131 -12.42 -5.57 6.60
C PRO A 131 -13.77 -6.20 6.92
N GLU A 132 -14.16 -7.19 6.11
CA GLU A 132 -15.42 -7.91 6.27
C GLU A 132 -15.44 -8.79 7.53
N GLU A 133 -14.29 -9.39 7.85
CA GLU A 133 -14.17 -10.27 9.01
C GLU A 133 -13.93 -9.48 10.31
N ALA A 134 -15.00 -8.97 10.90
CA ALA A 134 -14.92 -8.18 12.13
C ALA A 134 -14.25 -8.87 13.32
N LYS A 135 -14.39 -10.20 13.41
CA LYS A 135 -13.80 -10.93 14.52
C LYS A 135 -12.28 -10.90 14.51
N ILE A 136 -11.68 -10.72 13.33
CA ILE A 136 -10.23 -10.68 13.24
C ILE A 136 -9.72 -9.38 13.86
N LYS A 137 -10.47 -8.30 13.65
CA LYS A 137 -10.10 -7.00 14.19
C LYS A 137 -10.15 -7.02 15.71
N ASP A 138 -11.22 -7.59 16.27
CA ASP A 138 -11.37 -7.65 17.72
C ASP A 138 -10.20 -8.43 18.31
N ALA A 139 -9.84 -9.54 17.66
CA ALA A 139 -8.74 -10.35 18.13
C ALA A 139 -7.45 -9.55 18.17
N TYR A 140 -7.20 -8.79 17.11
CA TYR A 140 -5.99 -7.98 17.00
C TYR A 140 -5.95 -6.84 18.02
N HIS A 141 -7.07 -6.13 18.17
CA HIS A 141 -7.14 -5.03 19.11
C HIS A 141 -6.89 -5.56 20.53
N MET A 142 -7.57 -6.66 20.86
CA MET A 142 -7.41 -7.27 22.17
C MET A 142 -5.93 -7.49 22.47
N LEU A 143 -5.16 -7.84 21.43
CA LEU A 143 -3.73 -8.07 21.59
C LEU A 143 -3.00 -6.78 21.94
N LYS A 144 -3.30 -5.71 21.20
CA LYS A 144 -2.67 -4.41 21.44
C LYS A 144 -3.07 -3.89 22.82
N ARG A 145 -4.35 -3.96 23.11
CA ARG A 145 -4.91 -3.51 24.38
C ARG A 145 -4.18 -4.15 25.56
N GLN A 146 -3.84 -5.44 25.40
CA GLN A 146 -3.14 -6.19 26.45
C GLN A 146 -1.62 -6.00 26.39
N GLY A 147 -1.16 -5.13 25.50
CA GLY A 147 0.26 -4.86 25.38
C GLY A 147 1.11 -5.91 24.68
N ILE A 148 0.47 -6.85 24.00
CA ILE A 148 1.19 -7.89 23.28
C ILE A 148 1.76 -7.31 21.99
N VAL A 149 1.04 -6.33 21.45
CA VAL A 149 1.47 -5.64 20.23
C VAL A 149 1.61 -4.17 20.61
N GLN A 150 2.84 -3.71 20.82
CA GLN A 150 3.08 -2.32 21.18
C GLN A 150 2.57 -1.39 20.08
N SER A 151 3.06 -1.58 18.86
CA SER A 151 2.64 -0.76 17.74
C SER A 151 2.39 -1.64 16.51
N ASP A 152 1.58 -1.13 15.58
CA ASP A 152 1.30 -1.87 14.35
C ASP A 152 2.64 -2.12 13.71
N PRO A 153 2.88 -3.33 13.20
CA PRO A 153 4.18 -3.59 12.58
C PRO A 153 4.22 -3.27 11.10
N PRO A 154 5.43 -3.14 10.53
CA PRO A 154 5.58 -2.85 9.11
C PRO A 154 5.35 -4.18 8.39
N ILE A 155 4.84 -4.13 7.17
CA ILE A 155 4.57 -5.36 6.44
C ILE A 155 5.00 -5.29 4.98
N PRO A 156 5.31 -6.44 4.37
CA PRO A 156 5.74 -6.51 2.98
C PRO A 156 4.72 -5.80 2.09
N VAL A 157 5.20 -5.23 1.00
CA VAL A 157 4.32 -4.52 0.08
C VAL A 157 3.54 -5.49 -0.79
N ASP A 158 2.21 -5.40 -0.70
CA ASP A 158 1.31 -6.24 -1.47
C ASP A 158 0.11 -5.36 -1.81
N ARG A 159 0.07 -4.85 -3.03
CA ARG A 159 -1.01 -3.98 -3.45
C ARG A 159 -2.39 -4.62 -3.54
N THR A 160 -2.49 -5.93 -3.31
CA THR A 160 -3.80 -6.59 -3.37
C THR A 160 -4.46 -6.58 -2.00
N LEU A 161 -3.75 -6.11 -0.99
CA LEU A 161 -4.30 -6.03 0.36
C LEU A 161 -5.29 -4.87 0.47
N ILE A 162 -5.92 -4.54 -0.66
CA ILE A 162 -6.90 -3.46 -0.72
C ILE A 162 -6.40 -2.22 0.01
N GLY B 4 27.07 28.86 -2.79
CA GLY B 4 26.13 29.83 -3.33
C GLY B 4 25.26 30.40 -2.23
N SER B 5 23.95 30.20 -2.33
CA SER B 5 23.03 30.70 -1.31
C SER B 5 23.19 29.85 -0.04
N MET B 6 23.80 28.67 -0.19
CA MET B 6 24.05 27.77 0.93
C MET B 6 24.96 28.51 1.93
N ALA B 7 25.85 29.33 1.38
CA ALA B 7 26.80 30.11 2.18
C ALA B 7 26.22 31.47 2.56
N GLU B 8 25.02 31.75 2.07
CA GLU B 8 24.35 33.02 2.34
C GLU B 8 23.49 32.90 3.60
N ALA B 9 22.69 33.92 3.86
CA ALA B 9 21.80 33.94 5.02
C ALA B 9 20.76 32.82 4.94
N GLU B 10 20.42 32.42 3.73
CA GLU B 10 19.43 31.36 3.52
C GLU B 10 19.93 30.03 4.09
N GLY B 11 21.14 29.61 3.71
CA GLY B 11 21.68 28.37 4.22
C GLY B 11 21.85 28.39 5.73
N GLU B 12 22.27 29.54 6.29
CA GLU B 12 22.48 29.66 7.73
C GLU B 12 21.20 29.47 8.53
N SER B 13 20.12 30.10 8.07
CA SER B 13 18.82 30.01 8.73
C SER B 13 18.31 28.58 8.71
N LEU B 14 18.31 27.97 7.52
CA LEU B 14 17.84 26.60 7.38
C LEU B 14 18.61 25.63 8.29
N GLU B 15 19.94 25.71 8.28
CA GLU B 15 20.74 24.81 9.11
C GLU B 15 20.45 25.11 10.57
N SER B 16 20.25 26.39 10.90
CA SER B 16 19.95 26.78 12.28
C SER B 16 18.64 26.14 12.74
N TRP B 17 17.67 26.06 11.83
CA TRP B 17 16.39 25.44 12.12
C TRP B 17 16.58 23.92 12.24
N LEU B 18 17.39 23.34 11.36
CA LEU B 18 17.62 21.90 11.38
C LEU B 18 18.35 21.50 12.66
N ASN B 19 19.10 22.42 13.24
CA ASN B 19 19.81 22.16 14.48
C ASN B 19 18.75 21.94 15.57
N LYS B 20 17.73 22.79 15.58
CA LYS B 20 16.67 22.68 16.58
C LYS B 20 15.85 21.40 16.39
N ALA B 21 15.58 21.04 15.15
CA ALA B 21 14.80 19.86 14.80
C ALA B 21 15.53 18.52 14.95
N THR B 22 16.85 18.57 15.10
CA THR B 22 17.61 17.33 15.24
C THR B 22 18.56 17.37 16.43
N ASN B 23 18.39 18.38 17.27
CA ASN B 23 19.19 18.57 18.46
C ASN B 23 19.21 17.27 19.30
N PRO B 24 20.39 16.69 19.53
CA PRO B 24 20.56 15.45 20.30
C PRO B 24 20.04 15.54 21.74
N SER B 25 19.74 16.75 22.20
CA SER B 25 19.21 16.95 23.55
C SER B 25 17.73 16.59 23.63
N ASN B 26 17.00 16.80 22.53
CA ASN B 26 15.58 16.47 22.47
C ASN B 26 15.29 15.12 23.10
N ARG B 27 14.26 15.05 23.93
CA ARG B 27 13.89 13.79 24.57
C ARG B 27 13.05 12.97 23.58
N GLN B 28 12.47 13.66 22.60
CA GLN B 28 11.68 13.00 21.57
C GLN B 28 11.51 13.97 20.41
N GLU B 29 10.88 13.51 19.33
CA GLU B 29 10.65 14.35 18.18
C GLU B 29 10.01 15.66 18.65
N ASP B 30 10.50 16.78 18.14
CA ASP B 30 9.98 18.10 18.46
C ASP B 30 9.34 18.61 17.17
N TRP B 31 8.07 18.27 16.95
CA TRP B 31 7.37 18.67 15.73
C TRP B 31 7.29 20.16 15.48
N GLU B 32 7.40 20.97 16.52
CA GLU B 32 7.36 22.42 16.36
C GLU B 32 8.49 22.87 15.46
N TYR B 33 9.65 22.23 15.59
CA TYR B 33 10.80 22.58 14.77
C TYR B 33 10.82 21.78 13.47
N ILE B 34 10.39 20.53 13.54
CA ILE B 34 10.35 19.66 12.38
C ILE B 34 9.48 20.27 11.29
N ILE B 35 8.28 20.68 11.69
CA ILE B 35 7.35 21.29 10.76
C ILE B 35 7.85 22.70 10.46
N GLY B 36 8.51 23.31 11.44
CA GLY B 36 9.05 24.64 11.25
C GLY B 36 10.12 24.66 10.17
N PHE B 37 10.92 23.60 10.13
CA PHE B 37 11.98 23.49 9.13
C PHE B 37 11.31 23.34 7.77
N CYS B 38 10.29 22.50 7.71
CA CYS B 38 9.54 22.25 6.47
C CYS B 38 8.99 23.56 5.88
N ASP B 39 8.35 24.38 6.72
CA ASP B 39 7.79 25.64 6.25
C ASP B 39 8.85 26.60 5.73
N GLN B 40 10.04 26.59 6.34
CA GLN B 40 11.11 27.47 5.88
C GLN B 40 11.47 27.07 4.46
N ILE B 41 11.54 25.76 4.22
CA ILE B 41 11.87 25.25 2.91
C ILE B 41 10.85 25.68 1.86
N ASN B 42 9.59 25.73 2.26
CA ASN B 42 8.52 26.09 1.34
C ASN B 42 8.49 27.58 1.00
N LYS B 43 9.19 28.39 1.79
CA LYS B 43 9.24 29.83 1.56
C LYS B 43 10.53 30.27 0.86
N GLU B 44 11.62 29.57 1.15
CA GLU B 44 12.91 29.89 0.55
C GLU B 44 13.03 29.43 -0.90
N LEU B 45 13.56 30.31 -1.74
CA LEU B 45 13.73 30.03 -3.15
C LEU B 45 14.57 28.79 -3.42
N GLU B 46 15.66 28.62 -2.69
CA GLU B 46 16.51 27.46 -2.89
C GLU B 46 16.46 26.53 -1.67
N GLY B 47 15.36 26.60 -0.93
CA GLY B 47 15.20 25.75 0.24
C GLY B 47 15.43 24.28 -0.08
N PRO B 48 14.73 23.71 -1.08
CA PRO B 48 14.91 22.30 -1.43
C PRO B 48 16.37 21.92 -1.67
N GLN B 49 17.02 22.62 -2.60
CA GLN B 49 18.42 22.34 -2.93
C GLN B 49 19.32 22.39 -1.71
N ILE B 50 19.12 23.39 -0.86
CA ILE B 50 19.92 23.55 0.34
C ILE B 50 19.59 22.49 1.40
N ALA B 51 18.30 22.38 1.72
CA ALA B 51 17.84 21.44 2.73
C ALA B 51 18.30 20.02 2.49
N VAL B 52 18.17 19.58 1.23
CA VAL B 52 18.55 18.24 0.88
C VAL B 52 20.02 18.00 1.25
N ARG B 53 20.86 19.02 1.08
CA ARG B 53 22.28 18.89 1.43
C ARG B 53 22.47 18.88 2.94
N LEU B 54 21.72 19.72 3.64
CA LEU B 54 21.85 19.77 5.10
C LEU B 54 21.33 18.48 5.73
N LEU B 55 20.26 17.92 5.18
CA LEU B 55 19.69 16.69 5.71
C LEU B 55 20.64 15.52 5.50
N ALA B 56 21.25 15.45 4.32
CA ALA B 56 22.19 14.38 4.01
C ALA B 56 23.32 14.39 5.03
N HIS B 57 23.85 15.58 5.32
CA HIS B 57 24.94 15.68 6.27
C HIS B 57 24.52 15.25 7.67
N LYS B 58 23.34 15.69 8.14
CA LYS B 58 22.87 15.27 9.46
C LYS B 58 22.65 13.77 9.50
N ILE B 59 22.19 13.21 8.38
CA ILE B 59 21.93 11.76 8.32
C ILE B 59 23.24 10.97 8.42
N GLN B 60 24.34 11.59 8.00
CA GLN B 60 25.64 10.96 8.07
C GLN B 60 26.34 11.25 9.41
N SER B 61 25.62 11.88 10.32
CA SER B 61 26.20 12.21 11.61
C SER B 61 26.61 10.96 12.41
N PRO B 62 27.75 11.03 13.10
CA PRO B 62 28.19 9.88 13.90
C PRO B 62 27.29 9.70 15.12
N GLN B 63 26.62 10.77 15.54
CA GLN B 63 25.72 10.73 16.70
C GLN B 63 24.39 10.18 16.21
N GLU B 64 24.00 9.02 16.74
CA GLU B 64 22.78 8.32 16.34
C GLU B 64 21.44 9.06 16.40
N TRP B 65 21.09 9.58 17.58
CA TRP B 65 19.82 10.27 17.77
C TRP B 65 19.73 11.49 16.82
N GLU B 66 20.83 12.19 16.62
CA GLU B 66 20.83 13.34 15.70
C GLU B 66 20.46 12.83 14.29
N ALA B 67 21.07 11.71 13.89
CA ALA B 67 20.82 11.14 12.57
C ALA B 67 19.41 10.57 12.42
N LEU B 68 18.89 9.94 13.47
CA LEU B 68 17.56 9.40 13.39
C LEU B 68 16.52 10.52 13.28
N GLN B 69 16.69 11.59 14.06
CA GLN B 69 15.74 12.69 13.98
C GLN B 69 15.81 13.34 12.60
N ALA B 70 17.01 13.41 12.02
CA ALA B 70 17.17 13.98 10.69
C ALA B 70 16.38 13.16 9.67
N LEU B 71 16.35 11.84 9.86
CA LEU B 71 15.60 10.98 8.94
C LEU B 71 14.12 11.29 9.10
N THR B 72 13.69 11.50 10.34
CA THR B 72 12.29 11.85 10.58
C THR B 72 12.00 13.20 9.92
N VAL B 73 12.99 14.11 9.91
CA VAL B 73 12.78 15.43 9.30
C VAL B 73 12.67 15.29 7.77
N LEU B 74 13.49 14.41 7.22
CA LEU B 74 13.47 14.14 5.78
C LEU B 74 12.11 13.57 5.39
N GLU B 75 11.63 12.62 6.17
CA GLU B 75 10.34 11.99 5.93
C GLU B 75 9.23 13.05 5.97
N ALA B 76 9.32 13.95 6.95
CA ALA B 76 8.33 15.01 7.10
C ALA B 76 8.38 15.96 5.90
N CYS B 77 9.58 16.25 5.40
CA CYS B 77 9.73 17.14 4.25
C CYS B 77 9.11 16.53 2.99
N MET B 78 9.17 15.20 2.87
CA MET B 78 8.61 14.52 1.71
C MET B 78 7.08 14.67 1.65
N LYS B 79 6.46 14.89 2.80
CA LYS B 79 5.01 15.04 2.84
C LYS B 79 4.60 16.49 2.90
N ASN B 80 5.52 17.37 3.31
CA ASN B 80 5.21 18.79 3.46
C ASN B 80 5.83 19.76 2.47
N CYS B 81 6.83 19.34 1.72
CA CYS B 81 7.49 20.27 0.82
C CYS B 81 7.27 20.09 -0.66
N GLY B 82 6.26 19.32 -1.01
CA GLY B 82 5.90 19.11 -2.40
C GLY B 82 6.92 18.62 -3.41
N ARG B 83 6.54 18.77 -4.68
CA ARG B 83 7.33 18.36 -5.82
C ARG B 83 8.71 19.01 -5.89
N ARG B 84 8.81 20.29 -5.55
CA ARG B 84 10.09 20.98 -5.58
C ARG B 84 11.07 20.28 -4.65
N PHE B 85 10.59 19.76 -3.52
CA PHE B 85 11.47 19.04 -2.62
C PHE B 85 11.73 17.65 -3.23
N HIS B 86 10.69 17.01 -3.75
CA HIS B 86 10.86 15.68 -4.34
C HIS B 86 11.89 15.67 -5.47
N ASN B 87 11.83 16.67 -6.33
CA ASN B 87 12.76 16.78 -7.46
C ASN B 87 14.22 16.77 -6.98
N GLU B 88 14.51 17.46 -5.88
CA GLU B 88 15.88 17.50 -5.37
C GLU B 88 16.29 16.17 -4.74
N VAL B 89 15.36 15.50 -4.08
CA VAL B 89 15.65 14.23 -3.47
C VAL B 89 15.93 13.22 -4.58
N GLY B 90 15.27 13.42 -5.72
CA GLY B 90 15.45 12.53 -6.85
C GLY B 90 16.72 12.72 -7.68
N LYS B 91 17.74 13.36 -7.12
CA LYS B 91 18.98 13.54 -7.86
C LYS B 91 20.09 12.73 -7.19
N PHE B 92 21.05 12.26 -7.98
CA PHE B 92 22.13 11.48 -7.42
C PHE B 92 22.98 12.31 -6.44
N ARG B 93 23.01 13.62 -6.64
CA ARG B 93 23.76 14.52 -5.77
C ARG B 93 23.37 14.24 -4.32
N PHE B 94 22.09 13.97 -4.11
CA PHE B 94 21.57 13.66 -2.78
C PHE B 94 21.58 12.16 -2.54
N LEU B 95 21.06 11.40 -3.50
CA LEU B 95 20.98 9.96 -3.39
C LEU B 95 22.33 9.31 -3.09
N ASN B 96 23.40 9.80 -3.72
CA ASN B 96 24.73 9.24 -3.47
C ASN B 96 25.11 9.38 -1.99
N GLU B 97 24.64 10.45 -1.35
CA GLU B 97 24.93 10.68 0.07
C GLU B 97 24.25 9.63 0.93
N LEU B 98 23.10 9.12 0.48
CA LEU B 98 22.40 8.10 1.23
C LEU B 98 23.06 6.74 0.96
N ILE B 99 23.59 6.59 -0.24
CA ILE B 99 24.27 5.36 -0.60
C ILE B 99 25.50 5.19 0.29
N LYS B 100 26.23 6.29 0.53
CA LYS B 100 27.42 6.25 1.37
C LYS B 100 27.10 5.84 2.79
N VAL B 101 25.87 6.09 3.24
CA VAL B 101 25.49 5.71 4.58
C VAL B 101 25.29 4.20 4.75
N VAL B 102 24.73 3.55 3.73
CA VAL B 102 24.46 2.11 3.80
C VAL B 102 25.57 1.19 3.30
N SER B 103 26.51 1.72 2.53
CA SER B 103 27.60 0.95 1.98
C SER B 103 28.80 0.89 2.93
N PRO B 104 29.39 -0.31 3.11
CA PRO B 104 30.55 -0.54 3.99
C PRO B 104 31.82 0.14 3.46
N LYS B 105 31.86 0.39 2.16
CA LYS B 105 33.03 1.01 1.55
C LYS B 105 33.11 2.52 1.80
N TYR B 106 32.13 3.04 2.54
CA TYR B 106 32.12 4.46 2.86
C TYR B 106 31.84 4.69 4.34
N LEU B 107 30.56 4.77 4.71
CA LEU B 107 30.20 5.01 6.09
C LEU B 107 29.48 3.84 6.74
N GLY B 108 28.99 2.92 5.89
CA GLY B 108 28.26 1.77 6.38
C GLY B 108 28.77 1.09 7.66
N ASP B 109 30.08 0.89 7.75
CA ASP B 109 30.66 0.24 8.91
C ASP B 109 30.57 1.05 10.20
N ARG B 110 30.53 2.38 10.09
CA ARG B 110 30.45 3.22 11.27
C ARG B 110 29.07 3.85 11.49
N VAL B 111 28.05 3.30 10.85
CA VAL B 111 26.69 3.81 11.01
C VAL B 111 25.86 2.76 11.74
N SER B 112 24.90 3.21 12.54
CA SER B 112 24.06 2.28 13.29
C SER B 112 23.13 1.51 12.36
N GLU B 113 22.82 0.26 12.72
CA GLU B 113 21.93 -0.56 11.91
C GLU B 113 20.58 0.11 11.81
N LYS B 114 20.11 0.68 12.91
CA LYS B 114 18.83 1.35 12.95
C LYS B 114 18.75 2.45 11.89
N VAL B 115 19.84 3.18 11.71
CA VAL B 115 19.91 4.25 10.72
C VAL B 115 19.93 3.70 9.30
N LYS B 116 20.73 2.66 9.06
CA LYS B 116 20.82 2.06 7.73
C LYS B 116 19.49 1.47 7.28
N THR B 117 18.79 0.85 8.23
CA THR B 117 17.50 0.24 7.97
C THR B 117 16.46 1.30 7.60
N LYS B 118 16.45 2.41 8.32
CA LYS B 118 15.51 3.48 8.06
C LYS B 118 15.78 4.07 6.67
N VAL B 119 17.05 4.28 6.34
CA VAL B 119 17.42 4.81 5.03
C VAL B 119 16.89 3.88 3.92
N ILE B 120 17.16 2.59 4.05
CA ILE B 120 16.71 1.58 3.10
C ILE B 120 15.18 1.65 2.98
N GLU B 121 14.52 1.69 4.13
CA GLU B 121 13.07 1.75 4.21
C GLU B 121 12.57 2.95 3.41
N LEU B 122 13.20 4.11 3.65
CA LEU B 122 12.82 5.33 2.95
C LEU B 122 13.07 5.24 1.45
N LEU B 123 14.22 4.74 1.03
CA LEU B 123 14.52 4.63 -0.40
C LEU B 123 13.49 3.73 -1.07
N TYR B 124 13.18 2.62 -0.42
CA TYR B 124 12.21 1.68 -0.97
C TYR B 124 10.85 2.35 -1.14
N SER B 125 10.38 3.04 -0.10
CA SER B 125 9.09 3.71 -0.15
C SER B 125 8.98 4.72 -1.27
N TRP B 126 10.06 5.45 -1.53
CA TRP B 126 10.03 6.47 -2.58
C TRP B 126 9.93 5.86 -3.97
N THR B 127 10.42 4.64 -4.14
CA THR B 127 10.34 4.01 -5.45
C THR B 127 8.87 3.78 -5.82
N MET B 128 8.01 3.79 -4.82
CA MET B 128 6.58 3.59 -5.04
C MET B 128 5.76 4.87 -4.97
N ALA B 129 6.13 5.78 -4.06
CA ALA B 129 5.42 7.03 -3.92
C ALA B 129 5.77 7.99 -5.07
N LEU B 130 7.01 7.91 -5.55
CA LEU B 130 7.45 8.78 -6.64
C LEU B 130 7.88 7.98 -7.88
N PRO B 131 6.91 7.30 -8.52
CA PRO B 131 7.15 6.48 -9.72
C PRO B 131 7.89 7.22 -10.83
N GLU B 132 7.64 8.53 -10.93
CA GLU B 132 8.27 9.35 -11.97
C GLU B 132 9.71 9.78 -11.67
N GLU B 133 10.23 9.43 -10.50
CA GLU B 133 11.60 9.79 -10.13
C GLU B 133 12.51 8.60 -10.43
N ALA B 134 12.96 8.51 -11.68
CA ALA B 134 13.81 7.42 -12.16
C ALA B 134 15.07 7.16 -11.35
N LYS B 135 15.80 8.22 -11.02
CA LYS B 135 17.04 8.09 -10.27
C LYS B 135 16.90 7.38 -8.94
N ILE B 136 15.77 7.57 -8.26
CA ILE B 136 15.57 6.91 -6.97
C ILE B 136 15.56 5.40 -7.21
N LYS B 137 14.92 4.97 -8.29
CA LYS B 137 14.88 3.55 -8.61
C LYS B 137 16.27 3.07 -9.01
N ASP B 138 16.98 3.87 -9.81
CA ASP B 138 18.34 3.53 -10.22
C ASP B 138 19.18 3.23 -9.00
N ALA B 139 19.15 4.14 -8.04
CA ALA B 139 19.92 4.00 -6.82
C ALA B 139 19.52 2.77 -6.02
N TYR B 140 18.22 2.59 -5.82
CA TYR B 140 17.74 1.44 -5.05
C TYR B 140 18.05 0.14 -5.75
N HIS B 141 17.81 0.10 -7.05
CA HIS B 141 18.09 -1.10 -7.84
C HIS B 141 19.57 -1.45 -7.76
N MET B 142 20.42 -0.42 -7.79
CA MET B 142 21.86 -0.64 -7.72
C MET B 142 22.23 -1.26 -6.36
N LEU B 143 21.63 -0.76 -5.30
CA LEU B 143 21.93 -1.30 -3.96
C LEU B 143 21.55 -2.77 -3.83
N LYS B 144 20.54 -3.19 -4.58
CA LYS B 144 20.10 -4.58 -4.52
C LYS B 144 21.05 -5.54 -5.23
N ARG B 145 21.48 -5.20 -6.45
CA ARG B 145 22.39 -6.09 -7.16
C ARG B 145 23.80 -6.09 -6.57
N GLN B 146 24.10 -5.12 -5.70
CA GLN B 146 25.40 -5.06 -5.06
C GLN B 146 25.37 -5.80 -3.73
N GLY B 147 24.19 -6.25 -3.33
CA GLY B 147 24.07 -6.99 -2.08
C GLY B 147 23.81 -6.20 -0.80
N ILE B 148 23.81 -4.88 -0.87
CA ILE B 148 23.57 -4.06 0.33
C ILE B 148 22.14 -4.31 0.83
N VAL B 149 21.19 -4.35 -0.10
CA VAL B 149 19.81 -4.64 0.24
C VAL B 149 19.55 -6.08 -0.22
N GLN B 150 19.31 -6.99 0.72
CA GLN B 150 19.07 -8.39 0.38
C GLN B 150 17.70 -8.60 -0.27
N SER B 151 16.66 -8.05 0.34
CA SER B 151 15.31 -8.16 -0.17
C SER B 151 14.54 -6.92 0.26
N ASP B 152 13.53 -6.55 -0.51
CA ASP B 152 12.73 -5.37 -0.17
C ASP B 152 12.23 -5.55 1.26
N PRO B 153 12.41 -4.52 2.10
CA PRO B 153 11.96 -4.64 3.49
C PRO B 153 10.48 -4.34 3.61
N PRO B 154 9.88 -4.66 4.76
CA PRO B 154 8.47 -4.38 4.97
C PRO B 154 8.42 -2.92 5.43
N ILE B 155 7.37 -2.19 5.03
CA ILE B 155 7.26 -0.79 5.42
C ILE B 155 5.94 -0.49 6.13
N PRO B 156 5.93 0.56 6.96
CA PRO B 156 4.73 0.94 7.69
C PRO B 156 3.61 1.13 6.68
N VAL B 157 2.37 0.88 7.08
CA VAL B 157 1.24 1.02 6.17
C VAL B 157 0.87 2.48 5.98
N ASP B 158 0.88 2.92 4.72
CA ASP B 158 0.53 4.28 4.39
C ASP B 158 -0.27 4.20 3.11
N ARG B 159 -1.56 4.51 3.19
CA ARG B 159 -2.43 4.45 2.03
C ARG B 159 -2.26 5.58 1.03
N THR B 160 -1.41 6.56 1.37
CA THR B 160 -1.19 7.69 0.46
C THR B 160 -0.16 7.32 -0.60
N LEU B 161 0.18 6.03 -0.69
CA LEU B 161 1.13 5.56 -1.69
C LEU B 161 0.38 5.14 -2.96
N ILE B 162 -0.42 6.07 -3.46
CA ILE B 162 -1.21 5.85 -4.67
C ILE B 162 -1.98 4.53 -4.58
N SER C 13 -6.78 5.31 18.06
CA SER C 13 -8.14 5.67 17.68
C SER C 13 -8.20 7.06 17.05
N LEU C 14 -8.85 7.18 15.90
CA LEU C 14 -8.98 8.46 15.21
C LEU C 14 -9.62 9.45 16.16
N GLU C 15 -10.72 9.04 16.77
CA GLU C 15 -11.42 9.89 17.72
C GLU C 15 -10.46 10.32 18.80
N SER C 16 -9.79 9.35 19.41
CA SER C 16 -8.83 9.58 20.49
C SER C 16 -7.76 10.61 20.13
N TRP C 17 -7.13 10.43 18.97
CA TRP C 17 -6.11 11.37 18.54
C TRP C 17 -6.69 12.76 18.42
N LEU C 18 -7.87 12.85 17.80
CA LEU C 18 -8.49 14.15 17.59
C LEU C 18 -8.92 14.86 18.87
N ASN C 19 -9.46 14.12 19.83
CA ASN C 19 -9.90 14.74 21.08
C ASN C 19 -8.71 15.33 21.82
N LYS C 20 -7.55 14.70 21.72
CA LYS C 20 -6.37 15.22 22.38
C LYS C 20 -5.81 16.42 21.60
N ALA C 21 -5.89 16.32 20.27
CA ALA C 21 -5.38 17.34 19.37
C ALA C 21 -6.27 18.59 19.27
N THR C 22 -7.48 18.52 19.81
CA THR C 22 -8.38 19.66 19.75
C THR C 22 -8.99 20.01 21.10
N ASN C 23 -8.49 19.36 22.15
CA ASN C 23 -8.98 19.58 23.50
C ASN C 23 -8.94 21.06 23.85
N PRO C 24 -10.12 21.64 24.18
CA PRO C 24 -10.29 23.05 24.53
C PRO C 24 -9.43 23.51 25.72
N SER C 25 -8.88 22.56 26.46
CA SER C 25 -8.07 22.92 27.62
C SER C 25 -6.57 22.96 27.28
N ASN C 26 -6.21 22.50 26.09
CA ASN C 26 -4.81 22.52 25.67
C ASN C 26 -4.22 23.93 25.89
N ARG C 27 -3.05 23.98 26.52
CA ARG C 27 -2.38 25.25 26.77
C ARG C 27 -1.86 25.82 25.46
N GLN C 28 -1.59 24.94 24.51
CA GLN C 28 -1.11 25.32 23.19
C GLN C 28 -1.26 24.13 22.25
N GLU C 29 -1.12 24.35 20.95
CA GLU C 29 -1.25 23.28 19.97
C GLU C 29 -0.27 22.15 20.30
N ASP C 30 -0.73 20.91 20.27
CA ASP C 30 0.14 19.78 20.55
C ASP C 30 0.35 18.98 19.27
N TRP C 31 1.36 19.34 18.49
CA TRP C 31 1.65 18.68 17.24
C TRP C 31 1.90 17.18 17.29
N GLU C 32 2.16 16.66 18.48
CA GLU C 32 2.38 15.23 18.60
C GLU C 32 1.05 14.53 18.27
N TYR C 33 -0.05 15.12 18.73
CA TYR C 33 -1.37 14.56 18.50
C TYR C 33 -1.89 14.89 17.11
N ILE C 34 -1.58 16.08 16.62
CA ILE C 34 -2.01 16.49 15.28
C ILE C 34 -1.42 15.50 14.28
N ILE C 35 -0.10 15.30 14.36
CA ILE C 35 0.59 14.38 13.47
C ILE C 35 0.07 12.96 13.67
N GLY C 36 -0.11 12.57 14.93
CA GLY C 36 -0.62 11.24 15.23
C GLY C 36 -1.94 10.96 14.51
N PHE C 37 -2.82 11.95 14.52
CA PHE C 37 -4.13 11.86 13.87
C PHE C 37 -3.93 11.68 12.37
N CYS C 38 -3.01 12.45 11.79
CA CYS C 38 -2.73 12.36 10.35
C CYS C 38 -2.21 10.97 10.01
N ASP C 39 -1.39 10.41 10.89
CA ASP C 39 -0.83 9.08 10.67
C ASP C 39 -1.91 8.00 10.75
N GLN C 40 -2.83 8.13 11.70
CA GLN C 40 -3.89 7.14 11.83
C GLN C 40 -4.70 7.11 10.51
N ILE C 41 -5.13 8.28 10.06
CA ILE C 41 -5.90 8.38 8.82
C ILE C 41 -5.19 7.63 7.68
N ASN C 42 -3.90 7.90 7.51
CA ASN C 42 -3.14 7.25 6.44
C ASN C 42 -3.09 5.74 6.58
N LYS C 43 -3.25 5.26 7.81
CA LYS C 43 -3.22 3.83 8.08
C LYS C 43 -4.57 3.13 7.99
N GLU C 44 -5.65 3.89 7.87
CA GLU C 44 -6.98 3.29 7.81
C GLU C 44 -7.76 3.41 6.52
N LEU C 45 -8.47 2.34 6.18
CA LEU C 45 -9.28 2.25 4.97
C LEU C 45 -10.39 3.30 4.97
N GLU C 46 -10.95 3.55 6.15
CA GLU C 46 -12.03 4.52 6.30
C GLU C 46 -11.51 5.81 6.91
N GLY C 47 -10.19 5.95 7.00
CA GLY C 47 -9.57 7.12 7.58
C GLY C 47 -10.15 8.45 7.12
N PRO C 48 -10.11 8.73 5.81
CA PRO C 48 -10.62 9.98 5.25
C PRO C 48 -12.08 10.28 5.61
N GLN C 49 -12.96 9.34 5.32
CA GLN C 49 -14.39 9.48 5.58
C GLN C 49 -14.73 9.77 7.03
N ILE C 50 -14.14 9.01 7.94
CA ILE C 50 -14.42 9.21 9.35
C ILE C 50 -13.84 10.52 9.86
N ALA C 51 -12.62 10.82 9.45
CA ALA C 51 -11.93 12.03 9.88
C ALA C 51 -12.68 13.33 9.55
N VAL C 52 -13.08 13.49 8.30
CA VAL C 52 -13.78 14.71 7.90
C VAL C 52 -15.07 14.88 8.70
N ARG C 53 -15.69 13.77 9.07
CA ARG C 53 -16.92 13.86 9.88
C ARG C 53 -16.53 14.30 11.29
N LEU C 54 -15.44 13.73 11.80
CA LEU C 54 -14.97 14.08 13.14
C LEU C 54 -14.61 15.56 13.16
N LEU C 55 -13.82 15.98 12.17
CA LEU C 55 -13.39 17.36 12.07
C LEU C 55 -14.56 18.34 11.91
N ALA C 56 -15.49 17.99 11.02
CA ALA C 56 -16.66 18.84 10.77
C ALA C 56 -17.34 19.16 12.08
N HIS C 57 -17.51 18.14 12.91
CA HIS C 57 -18.13 18.32 14.21
C HIS C 57 -17.31 19.25 15.10
N LYS C 58 -15.99 19.05 15.14
CA LYS C 58 -15.12 19.86 15.98
C LYS C 58 -15.06 21.32 15.55
N ILE C 59 -15.08 21.55 14.24
CA ILE C 59 -15.02 22.91 13.72
C ILE C 59 -16.27 23.72 14.04
N GLN C 60 -17.40 23.05 14.30
CA GLN C 60 -18.64 23.76 14.61
C GLN C 60 -18.82 23.95 16.12
N SER C 61 -17.77 23.65 16.88
CA SER C 61 -17.84 23.79 18.31
C SER C 61 -17.97 25.25 18.74
N PRO C 62 -18.81 25.52 19.75
CA PRO C 62 -19.00 26.88 20.24
C PRO C 62 -17.78 27.33 21.03
N GLN C 63 -16.95 26.37 21.43
CA GLN C 63 -15.72 26.65 22.15
C GLN C 63 -14.65 26.97 21.10
N GLU C 64 -14.47 28.26 20.82
CA GLU C 64 -13.52 28.71 19.79
C GLU C 64 -12.17 28.01 19.71
N TRP C 65 -11.49 27.84 20.84
CA TRP C 65 -10.18 27.19 20.84
C TRP C 65 -10.25 25.73 20.38
N GLU C 66 -11.41 25.10 20.52
CA GLU C 66 -11.56 23.73 20.06
C GLU C 66 -11.72 23.74 18.54
N ALA C 67 -12.48 24.71 18.04
CA ALA C 67 -12.70 24.83 16.59
C ALA C 67 -11.43 25.26 15.90
N LEU C 68 -10.72 26.24 16.48
CA LEU C 68 -9.47 26.74 15.91
C LEU C 68 -8.44 25.61 15.74
N GLN C 69 -8.31 24.78 16.77
CA GLN C 69 -7.37 23.67 16.69
C GLN C 69 -7.85 22.64 15.67
N ALA C 70 -9.15 22.50 15.51
CA ALA C 70 -9.69 21.56 14.53
C ALA C 70 -9.30 22.00 13.13
N LEU C 71 -9.32 23.30 12.89
CA LEU C 71 -8.95 23.82 11.59
C LEU C 71 -7.45 23.57 11.36
N THR C 72 -6.65 23.72 12.41
CA THR C 72 -5.22 23.47 12.31
C THR C 72 -5.03 22.02 11.88
N VAL C 73 -5.64 21.10 12.62
CA VAL C 73 -5.55 19.67 12.32
C VAL C 73 -5.97 19.41 10.87
N LEU C 74 -7.09 19.99 10.47
CA LEU C 74 -7.62 19.84 9.11
C LEU C 74 -6.56 20.26 8.10
N GLU C 75 -5.94 21.41 8.39
CA GLU C 75 -4.89 21.95 7.54
C GLU C 75 -3.75 20.94 7.41
N ALA C 76 -3.34 20.33 8.51
CA ALA C 76 -2.26 19.35 8.49
C ALA C 76 -2.66 18.08 7.72
N CYS C 77 -3.91 17.64 7.86
CA CYS C 77 -4.37 16.46 7.16
C CYS C 77 -4.28 16.70 5.64
N MET C 78 -4.60 17.91 5.21
CA MET C 78 -4.53 18.25 3.78
C MET C 78 -3.10 18.11 3.27
N LYS C 79 -2.12 18.37 4.14
CA LYS C 79 -0.70 18.26 3.78
C LYS C 79 -0.16 16.85 3.94
N ASN C 80 -0.75 16.08 4.85
CA ASN C 80 -0.26 14.75 5.14
C ASN C 80 -1.06 13.53 4.66
N CYS C 81 -2.28 13.72 4.19
CA CYS C 81 -3.08 12.56 3.81
C CYS C 81 -3.43 12.38 2.34
N GLY C 82 -2.64 12.98 1.46
CA GLY C 82 -2.84 12.84 0.03
C GLY C 82 -4.24 12.98 -0.54
N ARG C 83 -4.34 12.64 -1.82
CA ARG C 83 -5.59 12.73 -2.56
C ARG C 83 -6.79 12.06 -1.90
N ARG C 84 -6.58 10.88 -1.34
CA ARG C 84 -7.69 10.18 -0.72
C ARG C 84 -8.41 11.04 0.32
N PHE C 85 -7.65 11.86 1.04
CA PHE C 85 -8.24 12.75 2.04
C PHE C 85 -8.85 13.96 1.36
N HIS C 86 -8.22 14.41 0.27
CA HIS C 86 -8.66 15.57 -0.50
C HIS C 86 -10.02 15.27 -1.15
N ASN C 87 -10.18 14.04 -1.62
CA ASN C 87 -11.42 13.64 -2.25
C ASN C 87 -12.60 13.71 -1.27
N GLU C 88 -12.32 13.48 0.01
CA GLU C 88 -13.39 13.55 0.99
C GLU C 88 -13.72 15.00 1.34
N VAL C 89 -12.69 15.83 1.44
CA VAL C 89 -12.88 17.25 1.73
C VAL C 89 -13.62 17.89 0.55
N GLY C 90 -13.35 17.40 -0.65
CA GLY C 90 -13.97 17.92 -1.86
C GLY C 90 -15.42 17.59 -2.09
N LYS C 91 -16.11 17.05 -1.08
CA LYS C 91 -17.52 16.70 -1.23
C LYS C 91 -18.37 17.67 -0.43
N PHE C 92 -19.52 18.03 -1.00
CA PHE C 92 -20.46 18.95 -0.35
C PHE C 92 -20.86 18.38 1.01
N ARG C 93 -20.76 17.06 1.13
CA ARG C 93 -21.08 16.38 2.37
C ARG C 93 -20.24 17.02 3.48
N PHE C 94 -19.00 17.35 3.16
CA PHE C 94 -18.12 17.99 4.13
C PHE C 94 -18.19 19.50 3.99
N LEU C 95 -18.13 19.98 2.75
CA LEU C 95 -18.15 21.43 2.49
C LEU C 95 -19.39 22.13 3.03
N ASN C 96 -20.54 21.48 2.99
CA ASN C 96 -21.75 22.10 3.50
C ASN C 96 -21.58 22.40 4.97
N GLU C 97 -20.87 21.52 5.67
CA GLU C 97 -20.62 21.69 7.10
C GLU C 97 -19.76 22.92 7.38
N LEU C 98 -18.96 23.34 6.39
CA LEU C 98 -18.11 24.51 6.58
C LEU C 98 -18.94 25.75 6.26
N ILE C 99 -19.78 25.64 5.23
CA ILE C 99 -20.65 26.74 4.85
C ILE C 99 -21.55 27.09 6.03
N LYS C 100 -21.94 26.08 6.81
CA LYS C 100 -22.78 26.28 7.98
C LYS C 100 -22.06 27.11 9.04
N VAL C 101 -20.74 26.95 9.10
CA VAL C 101 -19.93 27.66 10.08
C VAL C 101 -19.83 29.15 9.77
N VAL C 102 -19.97 29.51 8.49
CA VAL C 102 -19.84 30.92 8.12
C VAL C 102 -21.13 31.65 7.74
N SER C 103 -22.19 30.91 7.45
CA SER C 103 -23.46 31.55 7.06
C SER C 103 -24.27 32.01 8.26
N PRO C 104 -24.81 33.25 8.20
CA PRO C 104 -25.61 33.80 9.28
C PRO C 104 -26.87 32.96 9.52
N LYS C 105 -27.33 32.33 8.45
CA LYS C 105 -28.54 31.49 8.49
C LYS C 105 -28.39 30.27 9.39
N TYR C 106 -27.15 29.93 9.77
CA TYR C 106 -26.92 28.78 10.63
C TYR C 106 -26.14 29.17 11.88
N LEU C 107 -24.87 28.75 11.94
CA LEU C 107 -24.02 29.06 13.09
C LEU C 107 -23.35 30.43 12.93
N GLY C 108 -23.31 30.92 11.70
CA GLY C 108 -22.69 32.19 11.38
C GLY C 108 -22.70 33.27 12.45
N ASP C 109 -23.90 33.65 12.89
CA ASP C 109 -24.03 34.68 13.90
C ASP C 109 -23.46 34.31 15.25
N ARG C 110 -23.24 33.01 15.48
CA ARG C 110 -22.70 32.57 16.76
C ARG C 110 -21.27 32.02 16.69
N VAL C 111 -20.58 32.27 15.58
CA VAL C 111 -19.20 31.82 15.43
C VAL C 111 -18.26 33.01 15.33
N SER C 112 -17.17 32.97 16.08
CA SER C 112 -16.19 34.05 16.08
C SER C 112 -15.71 34.40 14.67
N GLU C 113 -15.32 35.66 14.48
CA GLU C 113 -14.84 36.13 13.19
C GLU C 113 -13.50 35.47 12.86
N LYS C 114 -12.76 35.10 13.89
CA LYS C 114 -11.46 34.46 13.71
C LYS C 114 -11.65 33.09 13.06
N VAL C 115 -12.60 32.32 13.56
CA VAL C 115 -12.88 30.98 13.01
C VAL C 115 -13.42 31.09 11.58
N LYS C 116 -14.40 31.97 11.38
CA LYS C 116 -14.97 32.15 10.05
C LYS C 116 -13.91 32.57 9.04
N THR C 117 -12.99 33.43 9.49
CA THR C 117 -11.90 33.92 8.66
C THR C 117 -10.98 32.80 8.21
N LYS C 118 -10.68 31.89 9.13
CA LYS C 118 -9.82 30.75 8.79
C LYS C 118 -10.55 29.84 7.81
N VAL C 119 -11.86 29.65 8.00
CA VAL C 119 -12.63 28.79 7.11
C VAL C 119 -12.61 29.32 5.67
N ILE C 120 -12.89 30.60 5.51
CA ILE C 120 -12.86 31.19 4.18
C ILE C 120 -11.44 31.08 3.63
N GLU C 121 -10.46 31.37 4.49
CA GLU C 121 -9.05 31.29 4.10
C GLU C 121 -8.73 29.93 3.47
N LEU C 122 -9.09 28.85 4.19
CA LEU C 122 -8.85 27.50 3.74
C LEU C 122 -9.58 27.19 2.44
N LEU C 123 -10.86 27.57 2.39
CA LEU C 123 -11.69 27.33 1.21
C LEU C 123 -11.02 27.93 -0.02
N TYR C 124 -10.71 29.21 0.06
CA TYR C 124 -10.07 29.91 -1.04
C TYR C 124 -8.74 29.25 -1.38
N SER C 125 -7.95 28.99 -0.35
CA SER C 125 -6.65 28.34 -0.51
C SER C 125 -6.76 27.03 -1.27
N TRP C 126 -7.84 26.29 -1.04
CA TRP C 126 -8.03 25.00 -1.73
C TRP C 126 -8.44 25.15 -3.19
N THR C 127 -9.11 26.24 -3.54
CA THR C 127 -9.50 26.40 -4.93
C THR C 127 -8.28 26.69 -5.79
N MET C 128 -7.20 27.11 -5.15
CA MET C 128 -5.96 27.41 -5.86
C MET C 128 -5.01 26.21 -5.80
N ALA C 129 -5.11 25.43 -4.73
CA ALA C 129 -4.25 24.28 -4.55
C ALA C 129 -4.76 22.94 -5.06
N LEU C 130 -6.08 22.78 -5.15
CA LEU C 130 -6.66 21.52 -5.61
C LEU C 130 -7.48 21.74 -6.87
N PRO C 131 -6.84 21.72 -8.04
CA PRO C 131 -7.48 21.92 -9.35
C PRO C 131 -8.60 20.91 -9.63
N GLU C 132 -8.33 19.65 -9.31
CA GLU C 132 -9.27 18.55 -9.52
C GLU C 132 -10.43 18.48 -8.53
N GLU C 133 -10.56 19.48 -7.66
CA GLU C 133 -11.63 19.50 -6.68
C GLU C 133 -12.62 20.62 -7.02
N ALA C 134 -13.47 20.36 -8.02
CA ALA C 134 -14.44 21.34 -8.50
C ALA C 134 -15.52 21.75 -7.51
N LYS C 135 -15.97 20.81 -6.69
CA LYS C 135 -17.00 21.14 -5.73
C LYS C 135 -16.57 22.20 -4.74
N ILE C 136 -15.27 22.31 -4.49
CA ILE C 136 -14.78 23.32 -3.55
C ILE C 136 -14.96 24.70 -4.18
N LYS C 137 -14.62 24.80 -5.47
CA LYS C 137 -14.79 26.08 -6.15
C LYS C 137 -16.27 26.40 -6.18
N ASP C 138 -17.11 25.40 -6.46
CA ASP C 138 -18.55 25.63 -6.50
C ASP C 138 -19.08 26.14 -5.17
N ALA C 139 -18.57 25.60 -4.07
CA ALA C 139 -18.99 26.02 -2.74
C ALA C 139 -18.46 27.42 -2.40
N TYR C 140 -17.25 27.72 -2.85
CA TYR C 140 -16.67 29.03 -2.59
C TYR C 140 -17.42 30.09 -3.40
N HIS C 141 -17.63 29.83 -4.68
CA HIS C 141 -18.34 30.75 -5.55
C HIS C 141 -19.74 31.05 -5.02
N MET C 142 -20.35 30.07 -4.36
CA MET C 142 -21.68 30.28 -3.82
C MET C 142 -21.64 31.29 -2.68
N LEU C 143 -20.63 31.18 -1.82
CA LEU C 143 -20.50 32.11 -0.70
C LEU C 143 -20.32 33.55 -1.17
N LYS C 144 -19.73 33.72 -2.35
CA LYS C 144 -19.52 35.05 -2.89
C LYS C 144 -20.82 35.64 -3.45
N ARG C 145 -21.58 34.83 -4.19
CA ARG C 145 -22.83 35.33 -4.75
C ARG C 145 -23.91 35.47 -3.69
N GLN C 146 -23.65 34.90 -2.52
CA GLN C 146 -24.60 34.97 -1.41
C GLN C 146 -24.22 36.09 -0.46
N GLY C 147 -23.09 36.74 -0.73
CA GLY C 147 -22.65 37.83 0.11
C GLY C 147 -21.78 37.47 1.31
N ILE C 148 -21.68 36.19 1.63
CA ILE C 148 -20.86 35.77 2.77
C ILE C 148 -19.42 36.24 2.57
N VAL C 149 -18.90 36.08 1.36
CA VAL C 149 -17.54 36.51 1.03
C VAL C 149 -17.62 37.70 0.07
N GLN C 150 -17.20 38.87 0.53
CA GLN C 150 -17.23 40.08 -0.27
C GLN C 150 -16.27 40.03 -1.47
N SER C 151 -15.00 39.74 -1.20
CA SER C 151 -14.00 39.64 -2.25
C SER C 151 -12.96 38.62 -1.82
N ASP C 152 -12.19 38.11 -2.78
CA ASP C 152 -11.16 37.12 -2.48
C ASP C 152 -10.23 37.66 -1.42
N PRO C 153 -10.04 36.91 -0.33
CA PRO C 153 -9.19 37.28 0.78
C PRO C 153 -7.73 36.95 0.58
N PRO C 154 -6.84 37.66 1.30
CA PRO C 154 -5.40 37.40 1.19
C PRO C 154 -5.24 36.11 1.97
N ILE C 155 -4.29 35.27 1.57
CA ILE C 155 -4.10 34.01 2.28
C ILE C 155 -2.63 33.68 2.43
N PRO C 156 -2.31 32.78 3.39
CA PRO C 156 -0.91 32.42 3.58
C PRO C 156 -0.44 31.87 2.23
N VAL C 157 0.81 32.13 1.88
CA VAL C 157 1.33 31.63 0.61
C VAL C 157 2.80 31.34 0.63
N ASP C 158 3.16 30.12 0.25
CA ASP C 158 4.55 29.71 0.15
C ASP C 158 4.71 29.16 -1.26
N ARG C 159 5.91 28.69 -1.58
CA ARG C 159 6.19 28.17 -2.91
C ARG C 159 5.58 26.83 -3.28
N THR C 160 4.76 26.27 -2.39
CA THR C 160 4.11 24.99 -2.70
C THR C 160 2.64 25.19 -3.06
N LEU C 161 2.13 26.41 -2.91
CA LEU C 161 0.74 26.70 -3.25
C LEU C 161 0.67 27.25 -4.67
N GLY D 4 6.72 3.70 -21.83
CA GLY D 4 6.05 3.12 -20.68
C GLY D 4 7.04 2.42 -19.78
N SER D 5 6.54 1.86 -18.68
CA SER D 5 7.38 1.16 -17.72
C SER D 5 7.85 -0.21 -18.24
N MET D 6 7.19 -0.71 -19.27
CA MET D 6 7.52 -2.00 -19.89
C MET D 6 8.97 -1.99 -20.38
N ALA D 7 9.38 -0.84 -20.88
CA ALA D 7 10.73 -0.66 -21.41
C ALA D 7 11.71 -0.29 -20.33
N GLU D 8 11.23 -0.13 -19.10
CA GLU D 8 12.09 0.23 -17.99
C GLU D 8 12.48 -0.99 -17.18
N ALA D 9 13.21 -0.75 -16.08
CA ALA D 9 13.67 -1.80 -15.18
C ALA D 9 12.50 -2.67 -14.74
N GLU D 10 11.33 -2.06 -14.58
CA GLU D 10 10.14 -2.77 -14.16
C GLU D 10 9.86 -3.91 -15.12
N GLY D 11 9.80 -3.57 -16.41
CA GLY D 11 9.52 -4.56 -17.43
C GLY D 11 10.60 -5.61 -17.53
N GLU D 12 11.86 -5.18 -17.52
CA GLU D 12 12.99 -6.11 -17.62
C GLU D 12 12.97 -7.11 -16.48
N SER D 13 12.67 -6.62 -15.28
CA SER D 13 12.63 -7.46 -14.09
C SER D 13 11.48 -8.45 -14.13
N LEU D 14 10.29 -7.98 -14.50
CA LEU D 14 9.15 -8.89 -14.59
C LEU D 14 9.43 -10.00 -15.62
N GLU D 15 9.87 -9.62 -16.81
CA GLU D 15 10.15 -10.60 -17.84
C GLU D 15 11.23 -11.56 -17.38
N SER D 16 12.19 -11.05 -16.62
CA SER D 16 13.27 -11.86 -16.11
C SER D 16 12.69 -12.96 -15.22
N TRP D 17 11.73 -12.59 -14.38
CA TRP D 17 11.09 -13.57 -13.52
C TRP D 17 10.28 -14.59 -14.32
N LEU D 18 9.50 -14.10 -15.29
CA LEU D 18 8.67 -14.98 -16.11
C LEU D 18 9.54 -15.97 -16.86
N ASN D 19 10.74 -15.54 -17.22
CA ASN D 19 11.70 -16.39 -17.92
C ASN D 19 11.98 -17.62 -17.08
N LYS D 20 12.22 -17.42 -15.79
CA LYS D 20 12.51 -18.54 -14.88
C LYS D 20 11.29 -19.39 -14.59
N ALA D 21 10.12 -18.77 -14.56
CA ALA D 21 8.87 -19.47 -14.29
C ALA D 21 8.35 -20.25 -15.48
N THR D 22 8.89 -19.96 -16.67
CA THR D 22 8.42 -20.67 -17.87
C THR D 22 9.59 -21.26 -18.64
N ASN D 23 10.71 -21.39 -17.93
CA ASN D 23 11.93 -21.94 -18.50
C ASN D 23 11.60 -23.32 -19.08
N PRO D 24 11.82 -23.51 -20.40
CA PRO D 24 11.54 -24.79 -21.05
C PRO D 24 12.39 -25.95 -20.54
N SER D 25 13.49 -25.65 -19.88
CA SER D 25 14.31 -26.73 -19.36
C SER D 25 13.78 -27.24 -18.01
N ASN D 26 12.76 -26.56 -17.47
CA ASN D 26 12.15 -26.98 -16.19
C ASN D 26 11.51 -28.35 -16.38
N ARG D 27 11.88 -29.29 -15.51
CA ARG D 27 11.34 -30.67 -15.58
C ARG D 27 9.86 -30.67 -15.22
N GLN D 28 9.47 -29.75 -14.36
CA GLN D 28 8.08 -29.59 -13.93
C GLN D 28 7.91 -28.14 -13.51
N GLU D 29 6.69 -27.73 -13.20
CA GLU D 29 6.47 -26.36 -12.79
C GLU D 29 7.32 -26.06 -11.56
N ASP D 30 7.81 -24.83 -11.51
CA ASP D 30 8.63 -24.36 -10.41
C ASP D 30 7.83 -23.30 -9.69
N TRP D 31 7.08 -23.69 -8.67
CA TRP D 31 6.24 -22.76 -7.93
C TRP D 31 6.99 -21.64 -7.25
N GLU D 32 8.25 -21.89 -6.92
CA GLU D 32 9.06 -20.88 -6.28
C GLU D 32 9.06 -19.67 -7.20
N TYR D 33 9.35 -19.91 -8.48
CA TYR D 33 9.40 -18.84 -9.47
C TYR D 33 8.02 -18.37 -9.91
N ILE D 34 7.06 -19.27 -10.05
CA ILE D 34 5.70 -18.90 -10.45
C ILE D 34 5.13 -17.92 -9.44
N ILE D 35 5.12 -18.33 -8.17
CA ILE D 35 4.61 -17.49 -7.11
C ILE D 35 5.45 -16.23 -7.02
N GLY D 36 6.76 -16.39 -7.23
CA GLY D 36 7.67 -15.26 -7.18
C GLY D 36 7.27 -14.18 -8.17
N PHE D 37 6.88 -14.62 -9.36
CA PHE D 37 6.45 -13.69 -10.40
C PHE D 37 5.20 -13.00 -9.86
N CYS D 38 4.29 -13.79 -9.29
CA CYS D 38 3.06 -13.23 -8.74
C CYS D 38 3.35 -12.14 -7.71
N ASP D 39 4.29 -12.42 -6.82
CA ASP D 39 4.65 -11.45 -5.79
C ASP D 39 5.26 -10.17 -6.37
N GLN D 40 5.97 -10.30 -7.48
CA GLN D 40 6.59 -9.14 -8.12
C GLN D 40 5.51 -8.24 -8.68
N ILE D 41 4.46 -8.84 -9.23
CA ILE D 41 3.35 -8.08 -9.80
C ILE D 41 2.61 -7.34 -8.71
N ASN D 42 2.47 -7.98 -7.55
CA ASN D 42 1.76 -7.37 -6.44
C ASN D 42 2.54 -6.21 -5.82
N LYS D 43 3.84 -6.17 -6.09
CA LYS D 43 4.70 -5.11 -5.59
C LYS D 43 4.78 -3.93 -6.55
N GLU D 44 4.72 -4.21 -7.85
CA GLU D 44 4.83 -3.16 -8.86
C GLU D 44 3.55 -2.40 -9.14
N LEU D 45 3.69 -1.08 -9.21
CA LEU D 45 2.58 -0.17 -9.49
C LEU D 45 1.89 -0.55 -10.80
N GLU D 46 2.71 -0.85 -11.80
CA GLU D 46 2.22 -1.23 -13.12
C GLU D 46 2.48 -2.69 -13.44
N GLY D 47 2.70 -3.49 -12.39
CA GLY D 47 2.96 -4.91 -12.60
C GLY D 47 1.91 -5.63 -13.42
N PRO D 48 0.61 -5.40 -13.17
CA PRO D 48 -0.46 -6.08 -13.93
C PRO D 48 -0.45 -5.76 -15.42
N GLN D 49 -0.37 -4.46 -15.74
CA GLN D 49 -0.37 -4.01 -17.13
C GLN D 49 0.77 -4.64 -17.91
N ILE D 50 1.95 -4.64 -17.32
CA ILE D 50 3.14 -5.22 -17.96
C ILE D 50 3.04 -6.73 -18.05
N ALA D 51 2.69 -7.36 -16.93
CA ALA D 51 2.61 -8.81 -16.86
C ALA D 51 1.67 -9.44 -17.89
N VAL D 52 0.47 -8.90 -18.06
CA VAL D 52 -0.46 -9.49 -19.01
C VAL D 52 0.16 -9.45 -20.41
N ARG D 53 0.88 -8.39 -20.72
CA ARG D 53 1.52 -8.30 -22.01
C ARG D 53 2.62 -9.34 -22.12
N LEU D 54 3.37 -9.53 -21.03
CA LEU D 54 4.45 -10.52 -21.05
C LEU D 54 3.89 -11.94 -21.14
N LEU D 55 2.83 -12.18 -20.37
CA LEU D 55 2.19 -13.48 -20.36
C LEU D 55 1.61 -13.83 -21.74
N ALA D 56 0.89 -12.89 -22.35
CA ALA D 56 0.31 -13.16 -23.66
C ALA D 56 1.41 -13.55 -24.64
N HIS D 57 2.54 -12.85 -24.58
CA HIS D 57 3.62 -13.16 -25.51
C HIS D 57 4.20 -14.57 -25.28
N LYS D 58 4.37 -14.95 -24.01
CA LYS D 58 4.89 -16.29 -23.70
C LYS D 58 3.86 -17.34 -24.10
N ILE D 59 2.58 -17.02 -23.92
CA ILE D 59 1.52 -17.95 -24.28
C ILE D 59 1.51 -18.18 -25.81
N GLN D 60 1.92 -17.16 -26.58
CA GLN D 60 1.96 -17.27 -28.05
C GLN D 60 3.29 -17.85 -28.54
N SER D 61 4.15 -18.25 -27.62
CA SER D 61 5.42 -18.82 -28.00
C SER D 61 5.26 -20.11 -28.80
N PRO D 62 6.14 -20.34 -29.78
CA PRO D 62 6.09 -21.55 -30.61
C PRO D 62 6.57 -22.80 -29.86
N GLN D 63 7.21 -22.60 -28.71
CA GLN D 63 7.71 -23.71 -27.90
C GLN D 63 6.59 -24.09 -26.94
N GLU D 64 5.97 -25.25 -27.16
CA GLU D 64 4.84 -25.70 -26.34
C GLU D 64 4.98 -25.70 -24.83
N TRP D 65 6.05 -26.28 -24.32
CA TRP D 65 6.25 -26.36 -22.87
C TRP D 65 6.40 -24.95 -22.28
N GLU D 66 6.98 -24.03 -23.04
CA GLU D 66 7.14 -22.66 -22.57
C GLU D 66 5.75 -22.02 -22.44
N ALA D 67 4.92 -22.24 -23.44
CA ALA D 67 3.57 -21.70 -23.47
C ALA D 67 2.68 -22.29 -22.39
N LEU D 68 2.78 -23.60 -22.18
CA LEU D 68 1.98 -24.26 -21.17
C LEU D 68 2.32 -23.72 -19.78
N GLN D 69 3.61 -23.56 -19.48
CA GLN D 69 3.98 -23.01 -18.17
C GLN D 69 3.47 -21.58 -18.03
N ALA D 70 3.55 -20.80 -19.11
CA ALA D 70 3.08 -19.41 -19.08
C ALA D 70 1.61 -19.43 -18.69
N LEU D 71 0.89 -20.39 -19.27
CA LEU D 71 -0.53 -20.52 -19.00
C LEU D 71 -0.78 -20.80 -17.54
N THR D 72 0.11 -21.59 -16.93
CA THR D 72 0.00 -21.93 -15.52
C THR D 72 0.35 -20.73 -14.66
N VAL D 73 1.20 -19.83 -15.17
CA VAL D 73 1.56 -18.63 -14.43
C VAL D 73 0.33 -17.73 -14.39
N LEU D 74 -0.35 -17.61 -15.52
CA LEU D 74 -1.57 -16.80 -15.64
C LEU D 74 -2.64 -17.18 -14.60
N GLU D 75 -2.92 -18.47 -14.48
CA GLU D 75 -3.88 -19.01 -13.51
C GLU D 75 -3.45 -18.57 -12.11
N ALA D 76 -2.19 -18.79 -11.80
CA ALA D 76 -1.65 -18.42 -10.50
C ALA D 76 -1.92 -16.94 -10.24
N CYS D 77 -1.56 -16.09 -11.20
CA CYS D 77 -1.78 -14.66 -11.05
C CYS D 77 -3.25 -14.34 -10.79
N MET D 78 -4.15 -14.99 -11.53
CA MET D 78 -5.58 -14.76 -11.36
C MET D 78 -5.99 -14.97 -9.90
N LYS D 79 -5.33 -15.90 -9.24
CA LYS D 79 -5.61 -16.19 -7.84
C LYS D 79 -4.80 -15.35 -6.85
N ASN D 80 -3.56 -15.03 -7.20
CA ASN D 80 -2.67 -14.28 -6.31
C ASN D 80 -2.57 -12.76 -6.49
N CYS D 81 -2.96 -12.25 -7.66
CA CYS D 81 -2.81 -10.82 -7.91
C CYS D 81 -4.04 -9.91 -7.86
N GLY D 82 -5.13 -10.39 -7.27
CA GLY D 82 -6.33 -9.59 -7.11
C GLY D 82 -7.01 -8.94 -8.30
N ARG D 83 -7.93 -8.02 -7.98
CA ARG D 83 -8.69 -7.30 -8.98
C ARG D 83 -7.85 -6.46 -9.90
N ARG D 84 -6.84 -5.78 -9.36
CA ARG D 84 -5.99 -4.96 -10.20
C ARG D 84 -5.50 -5.80 -11.37
N PHE D 85 -5.20 -7.08 -11.11
CA PHE D 85 -4.75 -7.97 -12.18
C PHE D 85 -5.94 -8.40 -13.05
N HIS D 86 -7.08 -8.74 -12.43
CA HIS D 86 -8.27 -9.17 -13.16
C HIS D 86 -8.73 -8.08 -14.10
N ASN D 87 -8.59 -6.82 -13.67
CA ASN D 87 -8.97 -5.67 -14.48
C ASN D 87 -8.17 -5.55 -15.76
N GLU D 88 -6.90 -5.98 -15.72
CA GLU D 88 -6.06 -5.94 -16.90
C GLU D 88 -6.34 -7.12 -17.81
N VAL D 89 -6.66 -8.26 -17.21
CA VAL D 89 -6.97 -9.46 -17.98
C VAL D 89 -8.30 -9.28 -18.71
N GLY D 90 -9.17 -8.45 -18.12
CA GLY D 90 -10.47 -8.21 -18.72
C GLY D 90 -10.53 -7.05 -19.69
N LYS D 91 -9.46 -6.83 -20.45
CA LYS D 91 -9.45 -5.76 -21.42
C LYS D 91 -9.10 -6.39 -22.75
N PHE D 92 -9.73 -5.91 -23.82
CA PHE D 92 -9.49 -6.44 -25.14
C PHE D 92 -8.02 -6.41 -25.52
N ARG D 93 -7.28 -5.47 -24.95
CA ARG D 93 -5.85 -5.34 -25.21
C ARG D 93 -5.15 -6.67 -24.94
N PHE D 94 -5.61 -7.39 -23.93
CA PHE D 94 -5.05 -8.69 -23.56
C PHE D 94 -5.83 -9.85 -24.21
N LEU D 95 -7.16 -9.79 -24.10
CA LEU D 95 -8.02 -10.83 -24.66
C LEU D 95 -7.80 -11.05 -26.16
N ASN D 96 -7.58 -9.96 -26.89
CA ASN D 96 -7.31 -10.06 -28.33
C ASN D 96 -6.12 -10.98 -28.58
N GLU D 97 -5.14 -10.93 -27.69
CA GLU D 97 -3.95 -11.76 -27.82
C GLU D 97 -4.25 -13.25 -27.65
N LEU D 98 -5.19 -13.58 -26.76
CA LEU D 98 -5.58 -14.97 -26.53
C LEU D 98 -6.45 -15.45 -27.69
N ILE D 99 -7.22 -14.52 -28.24
CA ILE D 99 -8.06 -14.83 -29.38
C ILE D 99 -7.15 -15.24 -30.55
N LYS D 100 -6.02 -14.56 -30.68
CA LYS D 100 -5.09 -14.87 -31.76
C LYS D 100 -4.53 -16.29 -31.65
N VAL D 101 -4.37 -16.78 -30.42
CA VAL D 101 -3.85 -18.12 -30.20
C VAL D 101 -4.76 -19.23 -30.71
N VAL D 102 -6.07 -19.02 -30.62
CA VAL D 102 -7.02 -20.04 -31.04
C VAL D 102 -7.66 -19.84 -32.40
N SER D 103 -7.48 -18.66 -32.98
CA SER D 103 -8.06 -18.38 -34.30
C SER D 103 -7.15 -18.85 -35.42
N PRO D 104 -7.67 -19.73 -36.30
CA PRO D 104 -6.92 -20.26 -37.43
C PRO D 104 -6.45 -19.12 -38.33
N LYS D 105 -7.15 -18.00 -38.24
CA LYS D 105 -6.83 -16.82 -39.04
C LYS D 105 -5.55 -16.13 -38.54
N TYR D 106 -5.07 -16.52 -37.37
CA TYR D 106 -3.85 -15.92 -36.82
C TYR D 106 -2.76 -16.91 -36.44
N LEU D 107 -2.86 -17.51 -35.26
CA LEU D 107 -1.86 -18.46 -34.82
C LEU D 107 -2.43 -19.86 -34.59
N GLY D 108 -3.75 -19.96 -34.65
CA GLY D 108 -4.40 -21.24 -34.44
C GLY D 108 -3.79 -22.46 -35.11
N ASP D 109 -3.52 -22.37 -36.41
CA ASP D 109 -2.97 -23.53 -37.12
C ASP D 109 -1.56 -23.96 -36.71
N ARG D 110 -0.83 -23.09 -36.04
CA ARG D 110 0.52 -23.43 -35.62
C ARG D 110 0.61 -23.75 -34.12
N VAL D 111 -0.41 -23.34 -33.36
CA VAL D 111 -0.42 -23.59 -31.92
C VAL D 111 -0.95 -24.99 -31.64
N SER D 112 -0.35 -25.64 -30.64
CA SER D 112 -0.74 -27.00 -30.26
C SER D 112 -2.17 -27.00 -29.73
N GLU D 113 -2.83 -28.15 -29.85
CA GLU D 113 -4.20 -28.28 -29.37
C GLU D 113 -4.28 -28.22 -27.85
N LYS D 114 -3.21 -28.63 -27.18
CA LYS D 114 -3.18 -28.61 -25.73
C LYS D 114 -3.26 -27.15 -25.24
N VAL D 115 -2.48 -26.29 -25.88
CA VAL D 115 -2.46 -24.86 -25.56
C VAL D 115 -3.79 -24.17 -25.80
N LYS D 116 -4.37 -24.37 -26.98
CA LYS D 116 -5.64 -23.74 -27.31
C LYS D 116 -6.77 -24.23 -26.41
N THR D 117 -6.74 -25.51 -26.08
CA THR D 117 -7.76 -26.10 -25.22
C THR D 117 -7.68 -25.43 -23.85
N LYS D 118 -6.46 -25.25 -23.38
CA LYS D 118 -6.25 -24.61 -22.09
C LYS D 118 -6.74 -23.16 -22.12
N VAL D 119 -6.44 -22.45 -23.20
CA VAL D 119 -6.86 -21.05 -23.33
C VAL D 119 -8.39 -20.98 -23.27
N ILE D 120 -9.04 -21.95 -23.91
CA ILE D 120 -10.50 -22.01 -23.94
C ILE D 120 -11.03 -22.32 -22.53
N GLU D 121 -10.37 -23.24 -21.82
CA GLU D 121 -10.77 -23.57 -20.45
C GLU D 121 -10.76 -22.30 -19.62
N LEU D 122 -9.61 -21.65 -19.58
CA LEU D 122 -9.47 -20.42 -18.80
C LEU D 122 -10.48 -19.36 -19.16
N LEU D 123 -10.61 -19.06 -20.46
CA LEU D 123 -11.54 -18.05 -20.91
C LEU D 123 -12.95 -18.35 -20.36
N TYR D 124 -13.38 -19.61 -20.51
CA TYR D 124 -14.71 -19.98 -20.03
C TYR D 124 -14.80 -19.86 -18.50
N SER D 125 -13.83 -20.40 -17.78
CA SER D 125 -13.88 -20.34 -16.32
C SER D 125 -13.92 -18.89 -15.82
N TRP D 126 -13.38 -17.96 -16.60
CA TRP D 126 -13.37 -16.56 -16.19
C TRP D 126 -14.76 -15.95 -16.31
N THR D 127 -15.53 -16.40 -17.29
CA THR D 127 -16.88 -15.88 -17.46
C THR D 127 -17.69 -16.24 -16.23
N MET D 128 -17.35 -17.36 -15.60
CA MET D 128 -18.03 -17.81 -14.40
C MET D 128 -17.50 -17.14 -13.13
N ALA D 129 -16.18 -16.98 -13.06
CA ALA D 129 -15.53 -16.39 -11.89
C ALA D 129 -15.44 -14.88 -11.82
N LEU D 130 -15.46 -14.20 -12.96
CA LEU D 130 -15.34 -12.75 -12.96
C LEU D 130 -16.56 -12.00 -13.50
N PRO D 131 -17.59 -11.83 -12.67
CA PRO D 131 -18.83 -11.13 -13.01
C PRO D 131 -18.62 -9.66 -13.39
N GLU D 132 -17.50 -9.10 -12.94
CA GLU D 132 -17.17 -7.71 -13.21
C GLU D 132 -16.55 -7.50 -14.59
N GLU D 133 -15.81 -8.49 -15.08
CA GLU D 133 -15.15 -8.37 -16.37
C GLU D 133 -16.07 -8.79 -17.54
N ALA D 134 -16.97 -7.89 -17.91
CA ALA D 134 -17.92 -8.16 -19.00
C ALA D 134 -17.22 -8.44 -20.33
N LYS D 135 -16.13 -7.73 -20.59
CA LYS D 135 -15.42 -7.93 -21.86
C LYS D 135 -14.97 -9.36 -22.09
N ILE D 136 -14.68 -10.10 -21.01
CA ILE D 136 -14.27 -11.48 -21.18
C ILE D 136 -15.43 -12.27 -21.78
N LYS D 137 -16.66 -11.94 -21.37
CA LYS D 137 -17.82 -12.62 -21.91
C LYS D 137 -17.96 -12.22 -23.38
N ASP D 138 -17.71 -10.94 -23.68
CA ASP D 138 -17.79 -10.46 -25.05
C ASP D 138 -16.85 -11.26 -25.93
N ALA D 139 -15.58 -11.32 -25.52
CA ALA D 139 -14.60 -12.05 -26.29
C ALA D 139 -14.98 -13.51 -26.41
N TYR D 140 -15.44 -14.11 -25.32
CA TYR D 140 -15.81 -15.51 -25.35
C TYR D 140 -16.98 -15.78 -26.28
N HIS D 141 -17.98 -14.91 -26.24
CA HIS D 141 -19.17 -15.06 -27.08
C HIS D 141 -18.88 -14.91 -28.55
N MET D 142 -17.88 -14.12 -28.90
CA MET D 142 -17.58 -13.97 -30.31
C MET D 142 -16.86 -15.22 -30.80
N LEU D 143 -16.11 -15.89 -29.92
CA LEU D 143 -15.43 -17.12 -30.32
C LEU D 143 -16.47 -18.20 -30.65
N LYS D 144 -17.51 -18.30 -29.84
CA LYS D 144 -18.55 -19.29 -30.10
C LYS D 144 -19.32 -18.91 -31.36
N ARG D 145 -19.61 -17.62 -31.52
CA ARG D 145 -20.32 -17.13 -32.70
C ARG D 145 -19.60 -17.59 -33.98
N GLN D 146 -18.31 -17.30 -34.05
CA GLN D 146 -17.49 -17.67 -35.21
C GLN D 146 -17.23 -19.17 -35.31
N GLY D 147 -17.70 -19.91 -34.30
CA GLY D 147 -17.52 -21.36 -34.32
C GLY D 147 -16.20 -21.91 -33.85
N ILE D 148 -15.31 -21.05 -33.35
CA ILE D 148 -14.01 -21.49 -32.85
C ILE D 148 -14.23 -22.37 -31.63
N VAL D 149 -15.24 -22.01 -30.83
CA VAL D 149 -15.62 -22.79 -29.67
C VAL D 149 -17.01 -23.31 -30.04
N GLN D 150 -17.10 -24.60 -30.33
CA GLN D 150 -18.36 -25.18 -30.76
C GLN D 150 -19.35 -25.44 -29.63
N SER D 151 -18.88 -25.42 -28.40
CA SER D 151 -19.73 -25.65 -27.24
C SER D 151 -18.89 -25.46 -26.00
N ASP D 152 -19.51 -25.08 -24.89
CA ASP D 152 -18.77 -24.85 -23.65
C ASP D 152 -17.98 -26.09 -23.28
N PRO D 153 -16.74 -25.90 -22.82
CA PRO D 153 -15.90 -27.02 -22.43
C PRO D 153 -15.98 -27.37 -20.95
N PRO D 154 -15.58 -28.60 -20.59
CA PRO D 154 -15.60 -28.99 -19.18
C PRO D 154 -14.41 -28.27 -18.58
N ILE D 155 -14.49 -27.87 -17.32
CA ILE D 155 -13.37 -27.17 -16.71
C ILE D 155 -12.99 -27.75 -15.37
N PRO D 156 -11.73 -27.58 -14.97
CA PRO D 156 -11.30 -28.11 -13.67
C PRO D 156 -12.27 -27.49 -12.67
N VAL D 157 -12.66 -28.24 -11.65
CA VAL D 157 -13.61 -27.70 -10.69
C VAL D 157 -13.03 -27.24 -9.36
N ASP D 158 -13.40 -26.03 -8.99
CA ASP D 158 -12.96 -25.42 -7.75
C ASP D 158 -14.19 -24.86 -7.05
N ARG D 159 -14.46 -25.35 -5.85
CA ARG D 159 -15.60 -24.91 -5.08
C ARG D 159 -15.63 -23.40 -4.89
N THR D 160 -14.52 -22.73 -5.17
CA THR D 160 -14.43 -21.29 -5.03
C THR D 160 -14.51 -20.60 -6.38
N LEU D 161 -14.95 -21.33 -7.41
CA LEU D 161 -15.04 -20.77 -8.76
C LEU D 161 -15.96 -19.56 -8.88
N ILE D 162 -17.22 -19.70 -8.48
CA ILE D 162 -18.17 -18.60 -8.58
C ILE D 162 -18.06 -17.62 -7.42
N SEP E 5 -22.54 -20.21 16.89
CA SEP E 5 -21.78 -21.40 16.46
CB SEP E 5 -22.06 -21.85 15.02
OG SEP E 5 -21.00 -22.67 14.56
C SEP E 5 -20.32 -21.35 16.88
O SEP E 5 -19.73 -22.35 17.27
P SEP E 5 -20.79 -22.90 13.08
O1P SEP E 5 -20.45 -24.33 12.84
O2P SEP E 5 -19.67 -22.05 12.61
O3P SEP E 5 -22.04 -22.56 12.34
N ASP E 6 -19.76 -20.16 16.84
CA ASP E 6 -18.37 -19.92 17.19
C ASP E 6 -18.17 -19.73 18.69
N GLU E 7 -16.91 -19.81 19.11
CA GLU E 7 -16.51 -19.63 20.51
C GLU E 7 -16.45 -18.14 20.81
N ASP E 8 -16.13 -17.80 22.05
CA ASP E 8 -16.00 -16.40 22.47
C ASP E 8 -14.51 -16.07 22.40
N LEU E 9 -14.20 -14.79 22.24
CA LEU E 9 -12.82 -14.36 22.17
C LEU E 9 -12.06 -14.76 23.42
N LEU E 10 -10.92 -15.43 23.24
CA LEU E 10 -10.10 -15.87 24.36
C LEU E 10 -9.62 -14.64 25.11
N HIS E 11 -9.47 -14.78 26.42
CA HIS E 11 -9.00 -13.66 27.24
C HIS E 11 -7.79 -14.04 28.09
N ILE E 12 -6.74 -13.24 27.96
CA ILE E 12 -5.48 -13.44 28.67
C ILE E 12 -5.49 -12.74 30.02
N SEP F 5 23.25 18.48 -15.23
CA SEP F 5 23.66 19.30 -14.09
CB SEP F 5 22.89 20.59 -13.82
OG SEP F 5 22.91 20.88 -12.44
C SEP F 5 23.97 18.44 -12.88
O SEP F 5 25.00 18.58 -12.22
P SEP F 5 21.88 21.80 -11.83
O1P SEP F 5 21.13 22.48 -12.92
O2P SEP F 5 22.57 22.83 -10.99
O3P SEP F 5 20.95 21.01 -10.99
N ASP F 6 23.17 17.39 -12.71
CA ASP F 6 23.34 16.47 -11.60
C ASP F 6 24.57 15.59 -11.77
N GLU F 7 24.95 14.89 -10.71
CA GLU F 7 26.11 14.00 -10.70
C GLU F 7 25.70 12.60 -11.11
N ASP F 8 26.69 11.76 -11.41
CA ASP F 8 26.43 10.39 -11.82
C ASP F 8 26.21 9.52 -10.59
N LEU F 9 25.50 8.42 -10.79
CA LEU F 9 25.22 7.50 -9.70
C LEU F 9 26.55 7.04 -9.11
N LEU F 10 26.59 6.93 -7.79
CA LEU F 10 27.79 6.48 -7.11
C LEU F 10 27.77 4.97 -7.05
N HIS F 11 28.71 4.33 -7.73
CA HIS F 11 28.75 2.87 -7.70
C HIS F 11 29.64 2.41 -6.56
N ILE F 12 29.05 1.62 -5.65
CA ILE F 12 29.76 1.09 -4.50
C ILE F 12 30.98 0.31 -4.98
N SEP G 5 -24.36 9.58 -4.75
CA SEP G 5 -23.42 9.40 -3.63
CB SEP G 5 -22.22 8.45 -3.56
OG SEP G 5 -21.55 8.55 -2.30
C SEP G 5 -23.42 10.58 -2.68
O SEP G 5 -24.23 10.66 -1.75
P SEP G 5 -20.24 7.85 -2.07
O1P SEP G 5 -19.95 6.94 -3.21
O2P SEP G 5 -20.30 7.07 -0.80
O3P SEP G 5 -19.15 8.87 -1.97
N ASP G 6 -22.64 11.58 -3.03
CA ASP G 6 -22.51 12.80 -2.23
C ASP G 6 -23.76 13.68 -2.35
N GLU G 7 -24.13 14.34 -1.25
CA GLU G 7 -25.29 15.22 -1.22
C GLU G 7 -25.12 16.47 -2.10
N ASP G 8 -26.15 17.30 -2.13
CA ASP G 8 -26.14 18.51 -2.93
C ASP G 8 -25.60 19.69 -2.12
N LEU G 9 -25.15 20.72 -2.83
CA LEU G 9 -24.61 21.92 -2.21
C LEU G 9 -25.71 22.65 -1.41
N LEU G 10 -25.51 22.84 -0.11
CA LEU G 10 -26.50 23.51 0.72
C LEU G 10 -26.84 24.91 0.22
N HIS G 11 -27.96 25.45 0.69
CA HIS G 11 -28.41 26.78 0.29
C HIS G 11 -28.62 27.72 1.47
N ILE G 12 -27.92 28.85 1.43
CA ILE G 12 -28.01 29.87 2.46
C ILE G 12 -29.27 30.71 2.21
N SEP H 5 -9.79 3.98 -23.77
N SEP H 5 -9.51 4.14 -23.85
CA SEP H 5 -8.43 3.58 -23.42
CA SEP H 5 -8.32 3.54 -23.24
CB SEP H 5 -8.49 3.62 -21.89
CB SEP H 5 -8.50 3.53 -21.72
OG SEP H 5 -7.33 4.21 -21.33
OG SEP H 5 -9.86 3.68 -21.36
C SEP H 5 -8.11 2.23 -24.07
C SEP H 5 -7.99 2.20 -23.88
O SEP H 5 -7.16 2.09 -24.83
O SEP H 5 -6.94 2.04 -24.50
P SEP H 5 -6.07 3.42 -21.15
P SEP H 5 -10.29 3.39 -19.95
O1P SEP H 5 -4.89 4.26 -21.49
O1P SEP H 5 -11.48 4.23 -19.62
O2P SEP H 5 -6.09 2.23 -22.05
O2P SEP H 5 -9.19 3.69 -19.01
O3P SEP H 5 -5.96 2.97 -19.73
O3P SEP H 5 -10.68 1.97 -19.84
N ASP H 6 -8.89 1.23 -23.70
CA ASP H 6 -8.73 -0.11 -24.22
C ASP H 6 -8.93 -0.15 -25.74
N GLU H 7 -8.44 -1.22 -26.34
CA GLU H 7 -8.57 -1.44 -27.77
C GLU H 7 -9.91 -2.06 -28.09
N ASP H 8 -10.20 -2.21 -29.38
CA ASP H 8 -11.45 -2.81 -29.83
C ASP H 8 -11.32 -4.32 -29.85
N LEU H 9 -12.42 -5.01 -29.52
CA LEU H 9 -12.43 -6.45 -29.55
C LEU H 9 -12.03 -6.86 -30.96
N LEU H 10 -11.01 -7.68 -31.06
CA LEU H 10 -10.55 -8.14 -32.36
C LEU H 10 -11.60 -9.02 -33.03
N HIS H 11 -12.10 -8.59 -34.18
CA HIS H 11 -13.09 -9.40 -34.88
C HIS H 11 -12.44 -10.21 -36.00
N ILE H 12 -12.73 -11.51 -35.98
CA ILE H 12 -12.19 -12.47 -36.94
C ILE H 12 -13.04 -12.53 -38.21
#